data_6AS5
#
_entry.id   6AS5
#
_cell.length_a   126.579
_cell.length_b   72.998
_cell.length_c   85.788
_cell.angle_alpha   90.00
_cell.angle_beta   98.83
_cell.angle_gamma   90.00
#
_symmetry.space_group_name_H-M   'C 1 2 1'
#
loop_
_entity.id
_entity.type
_entity.pdbx_description
1 polymer 'Citrate lyase subunit beta-like protein'
2 non-polymer 'MAGNESIUM ION'
3 non-polymer 'COENZYME A'
4 non-polymer 'ACETOACETIC ACID'
5 non-polymer 'SULFATE ION'
6 non-polymer GLYCEROL
7 water water
#
_entity_poly.entity_id   1
_entity_poly.type   'polypeptide(L)'
_entity_poly.pdbx_seq_one_letter_code
;MAHHHHHHMNLRAAGPGWLFCPADRPERFAKAAAAADVVILDLEDGVAEAQKPAARNALRDTPLDPERTVVRINAGGTAD
QARDLEALAGTAYTTVMLPKAESAAQVIELAPRDVIALVETARGAVCAAEIAAADPTVGMMWGAEDLIATLGGSSSRRAD
GAYRDVARHVRSTILLAASAFGRLALDAVHLDILDVEGLQEEARDAAAVGFDVTVCIHPSQIPVVRKAYRPSHEKLAWAR
RVLAASRSERGAFAFEGQMVDSPVLTHAETMLRRAGEATSE
;
_entity_poly.pdbx_strand_id   A,B,C
#
loop_
_chem_comp.id
_chem_comp.type
_chem_comp.name
_chem_comp.formula
AAE non-polymer 'ACETOACETIC ACID' 'C4 H6 O3'
COA non-polymer 'COENZYME A' 'C21 H36 N7 O16 P3 S'
GOL non-polymer GLYCEROL 'C3 H8 O3'
MG non-polymer 'MAGNESIUM ION' 'Mg 2'
SO4 non-polymer 'SULFATE ION' 'O4 S -2'
#
# COMPACT_ATOMS: atom_id res chain seq x y z
N LEU A 11 -11.96 -26.89 3.53
CA LEU A 11 -12.20 -25.77 2.62
C LEU A 11 -10.98 -25.49 1.75
N ARG A 12 -9.80 -25.47 2.37
CA ARG A 12 -8.58 -25.20 1.62
C ARG A 12 -8.39 -26.27 0.56
N ALA A 13 -9.19 -27.32 0.64
CA ALA A 13 -9.12 -28.43 -0.30
C ALA A 13 -10.12 -28.29 -1.44
N ALA A 14 -10.98 -27.28 -1.35
CA ALA A 14 -11.95 -27.04 -2.41
C ALA A 14 -11.26 -26.22 -3.50
N GLY A 15 -11.78 -26.31 -4.72
CA GLY A 15 -11.23 -25.51 -5.81
C GLY A 15 -11.25 -24.03 -5.50
N PRO A 16 -10.79 -23.21 -6.45
CA PRO A 16 -10.69 -21.75 -6.34
C PRO A 16 -12.00 -21.06 -6.76
N GLY A 17 -12.91 -21.84 -7.34
CA GLY A 17 -14.14 -21.31 -7.91
C GLY A 17 -15.28 -21.27 -6.92
N TRP A 18 -15.40 -20.16 -6.22
CA TRP A 18 -16.43 -19.99 -5.21
C TRP A 18 -17.52 -19.09 -5.77
N LEU A 19 -18.77 -19.30 -5.33
CA LEU A 19 -19.93 -18.68 -5.95
C LEU A 19 -20.96 -18.15 -4.97
N PHE A 20 -21.21 -16.85 -5.03
CA PHE A 20 -22.33 -16.24 -4.30
C PHE A 20 -23.66 -16.64 -4.92
N CYS A 21 -24.63 -16.97 -4.08
CA CYS A 21 -26.01 -17.09 -4.53
C CYS A 21 -26.90 -16.58 -3.41
N PRO A 22 -27.82 -15.65 -3.74
CA PRO A 22 -28.71 -15.01 -2.76
C PRO A 22 -29.58 -16.06 -2.09
N ALA A 23 -29.74 -15.96 -0.77
CA ALA A 23 -30.47 -16.97 0.00
C ALA A 23 -31.99 -16.98 -0.25
N ASP A 24 -32.51 -15.95 -0.89
CA ASP A 24 -33.93 -15.94 -1.21
C ASP A 24 -34.17 -16.50 -2.60
N ARG A 25 -33.17 -17.19 -3.13
CA ARG A 25 -33.31 -17.83 -4.44
C ARG A 25 -32.98 -19.33 -4.41
N PRO A 26 -33.72 -20.09 -3.59
CA PRO A 26 -33.48 -21.52 -3.33
C PRO A 26 -33.58 -22.40 -4.58
N GLU A 27 -34.38 -21.98 -5.56
CA GLU A 27 -34.48 -22.73 -6.80
C GLU A 27 -33.11 -22.83 -7.50
N ARG A 28 -32.21 -21.91 -7.17
CA ARG A 28 -30.87 -21.87 -7.76
C ARG A 28 -29.81 -22.59 -6.94
N PHE A 29 -30.14 -23.01 -5.72
CA PHE A 29 -29.12 -23.58 -4.83
C PHE A 29 -28.39 -24.75 -5.45
N ALA A 30 -29.13 -25.76 -5.88
CA ALA A 30 -28.53 -27.00 -6.34
C ALA A 30 -27.69 -26.73 -7.58
N LYS A 31 -28.09 -25.74 -8.37
CA LYS A 31 -27.32 -25.34 -9.55
C LYS A 31 -26.01 -24.70 -9.08
N ALA A 32 -26.13 -23.82 -8.10
CA ALA A 32 -24.97 -23.17 -7.53
C ALA A 32 -24.00 -24.24 -7.05
N ALA A 33 -24.48 -25.12 -6.17
CA ALA A 33 -23.68 -26.24 -5.69
C ALA A 33 -23.07 -27.02 -6.85
N ALA A 34 -23.84 -27.24 -7.90
CA ALA A 34 -23.40 -28.06 -9.04
C ALA A 34 -22.24 -27.44 -9.80
N ALA A 35 -22.37 -26.15 -10.11
CA ALA A 35 -21.36 -25.43 -10.87
C ALA A 35 -20.07 -25.16 -10.10
N ALA A 36 -20.22 -24.76 -8.84
CA ALA A 36 -19.11 -24.18 -8.05
C ALA A 36 -18.36 -25.18 -7.19
N ASP A 37 -17.22 -24.74 -6.66
CA ASP A 37 -16.44 -25.54 -5.71
C ASP A 37 -17.01 -25.35 -4.30
N VAL A 38 -17.23 -24.09 -3.96
CA VAL A 38 -17.87 -23.73 -2.71
C VAL A 38 -18.95 -22.71 -3.02
N VAL A 39 -20.11 -22.85 -2.40
CA VAL A 39 -21.18 -21.89 -2.60
C VAL A 39 -21.29 -21.02 -1.36
N ILE A 40 -21.42 -19.72 -1.57
CA ILE A 40 -21.72 -18.81 -0.48
C ILE A 40 -23.18 -18.42 -0.57
N LEU A 41 -23.99 -18.97 0.33
CA LEU A 41 -25.38 -18.56 0.49
C LEU A 41 -25.43 -17.21 1.20
N ASP A 42 -26.06 -16.23 0.56
CA ASP A 42 -25.99 -14.86 1.05
C ASP A 42 -27.26 -14.38 1.74
N LEU A 43 -27.13 -13.94 2.99
CA LEU A 43 -28.23 -13.27 3.68
C LEU A 43 -28.07 -11.75 3.70
N GLU A 44 -26.91 -11.27 3.24
CA GLU A 44 -26.62 -9.84 3.28
C GLU A 44 -27.10 -9.04 2.05
N ASP A 45 -26.18 -8.28 1.44
CA ASP A 45 -26.57 -7.30 0.43
C ASP A 45 -27.31 -7.89 -0.76
N GLY A 46 -27.10 -9.17 -1.03
CA GLY A 46 -27.74 -9.85 -2.13
C GLY A 46 -29.26 -9.87 -2.02
N VAL A 47 -29.76 -9.79 -0.79
CA VAL A 47 -31.18 -9.88 -0.49
C VAL A 47 -31.71 -8.60 0.18
N ALA A 48 -32.78 -8.04 -0.37
CA ALA A 48 -33.39 -6.85 0.22
C ALA A 48 -33.86 -7.15 1.62
N GLU A 49 -33.97 -6.11 2.44
CA GLU A 49 -34.40 -6.26 3.81
C GLU A 49 -35.73 -7.00 3.95
N ALA A 50 -36.69 -6.71 3.07
CA ALA A 50 -38.01 -7.32 3.19
C ALA A 50 -38.01 -8.81 2.83
N GLN A 51 -36.88 -9.27 2.31
CA GLN A 51 -36.75 -10.64 1.81
C GLN A 51 -35.87 -11.52 2.68
N LYS A 52 -35.25 -10.95 3.70
CA LYS A 52 -34.37 -11.71 4.62
C LYS A 52 -35.07 -12.93 5.27
N PRO A 53 -36.22 -12.71 5.90
CA PRO A 53 -36.87 -13.85 6.58
C PRO A 53 -37.16 -15.02 5.63
N ALA A 54 -37.59 -14.73 4.40
CA ALA A 54 -37.76 -15.79 3.39
C ALA A 54 -36.43 -16.44 3.09
N ALA A 55 -35.37 -15.64 2.98
CA ALA A 55 -34.04 -16.18 2.73
C ALA A 55 -33.62 -17.14 3.83
N ARG A 56 -33.86 -16.74 5.08
CA ARG A 56 -33.61 -17.57 6.25
C ARG A 56 -34.42 -18.87 6.28
N ASN A 57 -35.67 -18.83 5.83
CA ASN A 57 -36.41 -20.08 5.71
C ASN A 57 -35.85 -20.97 4.63
N ALA A 58 -35.45 -20.36 3.51
CA ALA A 58 -34.89 -21.14 2.41
C ALA A 58 -33.63 -21.88 2.83
N LEU A 59 -32.77 -21.17 3.56
CA LEU A 59 -31.49 -21.72 3.94
C LEU A 59 -31.66 -22.99 4.78
N ARG A 60 -32.69 -23.02 5.62
CA ARG A 60 -32.96 -24.18 6.44
C ARG A 60 -33.86 -25.18 5.72
N ASP A 61 -34.69 -24.69 4.80
CA ASP A 61 -35.59 -25.56 4.03
C ASP A 61 -34.89 -26.24 2.85
N THR A 62 -33.84 -25.60 2.33
CA THR A 62 -33.15 -26.09 1.13
C THR A 62 -31.63 -26.22 1.38
N PRO A 63 -31.23 -27.11 2.30
CA PRO A 63 -29.84 -27.24 2.73
C PRO A 63 -28.90 -27.78 1.65
N LEU A 64 -27.63 -27.38 1.72
CA LEU A 64 -26.60 -27.87 0.82
C LEU A 64 -25.55 -28.56 1.65
N ASP A 65 -24.59 -29.20 0.99
CA ASP A 65 -23.49 -29.83 1.71
C ASP A 65 -22.80 -28.76 2.53
N PRO A 66 -22.81 -28.91 3.86
CA PRO A 66 -22.24 -27.89 4.73
C PRO A 66 -20.70 -27.88 4.70
N GLU A 67 -20.11 -28.88 4.05
CA GLU A 67 -18.67 -28.93 3.89
C GLU A 67 -18.22 -28.20 2.63
N ARG A 68 -19.18 -27.74 1.83
CA ARG A 68 -18.86 -27.00 0.61
C ARG A 68 -19.74 -25.76 0.52
N THR A 69 -20.28 -25.36 1.65
CA THR A 69 -21.14 -24.20 1.68
C THR A 69 -20.78 -23.28 2.84
N VAL A 70 -20.68 -22.00 2.52
CA VAL A 70 -20.47 -20.94 3.50
C VAL A 70 -21.68 -20.03 3.47
N VAL A 71 -22.08 -19.49 4.62
CA VAL A 71 -23.21 -18.56 4.66
C VAL A 71 -22.74 -17.17 5.03
N ARG A 72 -22.91 -16.22 4.12
CA ARG A 72 -22.61 -14.83 4.47
C ARG A 72 -23.75 -14.25 5.29
N ILE A 73 -23.47 -13.97 6.57
CA ILE A 73 -24.47 -13.38 7.44
C ILE A 73 -24.38 -11.87 7.34
N ASN A 74 -25.14 -11.17 8.17
CA ASN A 74 -25.07 -9.72 8.24
C ASN A 74 -24.00 -9.22 9.22
N ALA A 75 -23.69 -7.93 9.18
CA ALA A 75 -22.57 -7.37 9.94
C ALA A 75 -22.86 -7.33 11.45
N GLY A 76 -21.81 -7.28 12.25
CA GLY A 76 -21.95 -7.25 13.69
C GLY A 76 -22.72 -6.04 14.21
N GLY A 77 -23.50 -6.25 15.27
CA GLY A 77 -24.29 -5.19 15.87
C GLY A 77 -25.62 -4.90 15.19
N THR A 78 -25.92 -5.62 14.11
CA THR A 78 -27.21 -5.46 13.44
C THR A 78 -28.22 -6.50 13.93
N ALA A 79 -29.47 -6.07 14.05
CA ALA A 79 -30.59 -6.96 14.34
C ALA A 79 -30.68 -8.09 13.32
N ASP A 80 -30.30 -7.81 12.08
CA ASP A 80 -30.28 -8.87 11.08
C ASP A 80 -29.34 -10.00 11.43
N GLN A 81 -28.15 -9.67 11.92
CA GLN A 81 -27.18 -10.72 12.23
C GLN A 81 -27.71 -11.67 13.29
N ALA A 82 -28.41 -11.12 14.27
CA ALA A 82 -29.02 -11.93 15.31
C ALA A 82 -30.10 -12.87 14.72
N ARG A 83 -30.89 -12.36 13.78
CA ARG A 83 -31.88 -13.20 13.13
C ARG A 83 -31.20 -14.31 12.30
N ASP A 84 -30.09 -13.95 11.66
CA ASP A 84 -29.31 -14.92 10.88
C ASP A 84 -28.77 -16.02 11.77
N LEU A 85 -28.18 -15.63 12.89
CA LEU A 85 -27.61 -16.60 13.80
C LEU A 85 -28.73 -17.47 14.37
N GLU A 86 -29.86 -16.85 14.70
CA GLU A 86 -31.01 -17.61 15.19
C GLU A 86 -31.42 -18.64 14.16
N ALA A 87 -31.36 -18.27 12.88
CA ALA A 87 -31.77 -19.15 11.78
C ALA A 87 -30.76 -20.27 11.53
N LEU A 88 -29.48 -19.91 11.52
CA LEU A 88 -28.42 -20.87 11.29
C LEU A 88 -28.44 -21.93 12.39
N ALA A 89 -29.00 -21.57 13.54
CA ALA A 89 -29.14 -22.50 14.63
C ALA A 89 -29.82 -23.77 14.13
N GLY A 90 -30.74 -23.58 13.19
CA GLY A 90 -31.50 -24.68 12.63
C GLY A 90 -30.88 -25.31 11.39
N THR A 91 -29.59 -25.05 11.18
CA THR A 91 -28.87 -25.64 10.05
C THR A 91 -27.62 -26.36 10.54
N ALA A 92 -26.88 -26.96 9.63
CA ALA A 92 -25.63 -27.62 9.97
C ALA A 92 -24.42 -26.86 9.40
N TYR A 93 -24.61 -25.56 9.12
CA TYR A 93 -23.53 -24.76 8.54
C TYR A 93 -22.57 -24.25 9.62
N THR A 94 -21.29 -24.50 9.44
CA THR A 94 -20.30 -24.21 10.48
C THR A 94 -19.36 -23.05 10.13
N THR A 95 -19.37 -22.65 8.86
CA THR A 95 -18.55 -21.55 8.38
C THR A 95 -19.44 -20.43 7.88
N VAL A 96 -19.21 -19.23 8.39
CA VAL A 96 -19.97 -18.06 7.95
C VAL A 96 -19.02 -17.03 7.39
N MET A 97 -19.53 -16.14 6.56
CA MET A 97 -18.78 -14.99 6.11
C MET A 97 -19.31 -13.75 6.80
N LEU A 98 -18.41 -12.89 7.28
CA LEU A 98 -18.81 -11.70 8.00
C LEU A 98 -18.58 -10.44 7.16
N PRO A 99 -19.67 -9.78 6.78
CA PRO A 99 -19.49 -8.60 5.94
C PRO A 99 -19.03 -7.41 6.78
N LYS A 100 -18.27 -6.51 6.18
CA LYS A 100 -17.87 -5.25 6.81
C LYS A 100 -17.11 -5.56 8.11
N ALA A 101 -16.21 -6.51 8.03
CA ALA A 101 -15.47 -6.94 9.21
C ALA A 101 -14.57 -5.80 9.67
N GLU A 102 -14.71 -5.40 10.93
CA GLU A 102 -14.07 -4.18 11.40
C GLU A 102 -13.27 -4.27 12.69
N SER A 103 -13.28 -5.44 13.33
CA SER A 103 -12.40 -5.68 14.48
C SER A 103 -12.30 -7.16 14.78
N ALA A 104 -11.36 -7.52 15.65
CA ALA A 104 -11.19 -8.92 16.02
C ALA A 104 -12.42 -9.39 16.80
N ALA A 105 -12.95 -8.50 17.62
CA ALA A 105 -14.12 -8.78 18.45
C ALA A 105 -15.33 -9.25 17.63
N GLN A 106 -15.61 -8.57 16.52
CA GLN A 106 -16.67 -9.01 15.62
C GLN A 106 -16.56 -10.48 15.15
N VAL A 107 -15.35 -10.91 14.83
CA VAL A 107 -15.11 -12.31 14.49
C VAL A 107 -15.22 -13.22 15.73
N ILE A 108 -14.60 -12.79 16.83
CA ILE A 108 -14.52 -13.65 18.02
C ILE A 108 -15.89 -13.99 18.56
N GLU A 109 -16.85 -13.09 18.41
CA GLU A 109 -18.18 -13.35 18.96
C GLU A 109 -18.97 -14.34 18.12
N LEU A 110 -18.44 -14.71 16.96
CA LEU A 110 -19.07 -15.72 16.12
C LEU A 110 -18.71 -17.15 16.55
N ALA A 111 -17.75 -17.29 17.46
CA ALA A 111 -17.34 -18.59 17.97
C ALA A 111 -18.55 -19.44 18.38
N PRO A 112 -18.48 -20.75 18.13
CA PRO A 112 -17.29 -21.44 17.60
C PRO A 112 -17.34 -21.69 16.10
N ARG A 113 -18.18 -20.97 15.37
CA ARG A 113 -18.21 -21.14 13.93
C ARG A 113 -16.90 -20.67 13.30
N ASP A 114 -16.60 -21.20 12.12
CA ASP A 114 -15.44 -20.74 11.36
C ASP A 114 -15.83 -19.48 10.60
N VAL A 115 -14.94 -18.52 10.53
CA VAL A 115 -15.30 -17.21 9.98
C VAL A 115 -14.42 -16.79 8.84
N ILE A 116 -15.05 -16.42 7.72
CA ILE A 116 -14.33 -15.71 6.66
C ILE A 116 -14.71 -14.25 6.81
N ALA A 117 -13.70 -13.42 7.09
CA ALA A 117 -13.91 -12.01 7.33
C ALA A 117 -13.79 -11.25 6.03
N LEU A 118 -14.87 -10.58 5.66
CA LEU A 118 -14.89 -9.75 4.46
C LEU A 118 -14.62 -8.33 4.90
N VAL A 119 -13.39 -7.88 4.68
CA VAL A 119 -13.00 -6.52 4.99
C VAL A 119 -13.32 -5.64 3.80
N GLU A 120 -14.26 -4.73 4.00
CA GLU A 120 -14.73 -3.90 2.91
C GLU A 120 -15.02 -2.49 3.40
N THR A 121 -14.30 -2.07 4.43
CA THR A 121 -14.36 -0.71 4.90
C THR A 121 -12.96 -0.23 5.30
N ALA A 122 -12.80 1.08 5.41
CA ALA A 122 -11.53 1.67 5.86
C ALA A 122 -11.12 1.09 7.21
N ARG A 123 -12.04 1.09 8.17
CA ARG A 123 -11.76 0.58 9.51
C ARG A 123 -11.24 -0.85 9.45
N GLY A 124 -11.94 -1.69 8.70
CA GLY A 124 -11.51 -3.06 8.48
C GLY A 124 -10.10 -3.12 7.92
N ALA A 125 -9.86 -2.27 6.93
CA ALA A 125 -8.55 -2.20 6.29
C ALA A 125 -7.47 -1.84 7.31
N VAL A 126 -7.76 -0.82 8.13
CA VAL A 126 -6.83 -0.38 9.16
C VAL A 126 -6.56 -1.48 10.21
N CYS A 127 -7.56 -2.31 10.49
CA CYS A 127 -7.47 -3.37 11.49
C CYS A 127 -7.23 -4.77 10.89
N ALA A 128 -6.82 -4.84 9.63
CA ALA A 128 -6.71 -6.15 8.93
C ALA A 128 -6.00 -7.26 9.71
N ALA A 129 -4.82 -6.96 10.23
CA ALA A 129 -4.00 -8.00 10.86
C ALA A 129 -4.68 -8.56 12.09
N GLU A 130 -5.28 -7.67 12.88
N GLU A 130 -5.26 -7.64 12.88
CA GLU A 130 -5.95 -8.09 14.10
CA GLU A 130 -6.01 -7.96 14.09
C GLU A 130 -7.15 -8.98 13.77
C GLU A 130 -7.14 -8.95 13.76
N ILE A 131 -7.86 -8.66 12.70
CA ILE A 131 -8.99 -9.49 12.28
C ILE A 131 -8.49 -10.87 11.86
N ALA A 132 -7.41 -10.87 11.08
CA ALA A 132 -6.74 -12.09 10.60
C ALA A 132 -6.27 -12.99 11.75
N ALA A 133 -5.73 -12.35 12.79
CA ALA A 133 -5.16 -13.04 13.93
C ALA A 133 -6.22 -13.72 14.81
N ALA A 134 -7.42 -13.16 14.83
CA ALA A 134 -8.50 -13.67 15.67
C ALA A 134 -8.68 -15.18 15.50
N ASP A 135 -8.90 -15.86 16.61
CA ASP A 135 -8.98 -17.32 16.62
C ASP A 135 -9.95 -17.93 15.58
N PRO A 136 -11.20 -17.43 15.51
CA PRO A 136 -12.17 -18.08 14.61
C PRO A 136 -11.87 -17.85 13.13
N THR A 137 -10.98 -16.91 12.78
CA THR A 137 -10.75 -16.59 11.37
C THR A 137 -10.10 -17.76 10.61
N VAL A 138 -10.75 -18.20 9.53
CA VAL A 138 -10.14 -19.19 8.65
C VAL A 138 -9.88 -18.61 7.27
N GLY A 139 -10.40 -17.41 7.01
CA GLY A 139 -10.23 -16.77 5.72
C GLY A 139 -10.46 -15.27 5.75
N MET A 140 -9.89 -14.56 4.78
CA MET A 140 -10.12 -13.13 4.60
C MET A 140 -10.43 -12.90 3.14
N MET A 141 -11.41 -12.05 2.88
CA MET A 141 -11.76 -11.60 1.54
C MET A 141 -11.83 -10.07 1.60
N TRP A 142 -11.79 -9.40 0.47
CA TRP A 142 -11.96 -7.95 0.48
C TRP A 142 -13.05 -7.57 -0.49
N GLY A 143 -13.66 -6.40 -0.27
CA GLY A 143 -14.77 -5.92 -1.08
C GLY A 143 -14.49 -4.51 -1.56
N ALA A 144 -14.42 -4.34 -2.88
CA ALA A 144 -14.01 -3.06 -3.46
C ALA A 144 -15.15 -2.06 -3.42
N GLU A 145 -16.36 -2.55 -3.65
CA GLU A 145 -17.50 -1.67 -3.81
C GLU A 145 -17.97 -1.10 -2.49
N ASP A 146 -18.09 -1.93 -1.46
CA ASP A 146 -18.42 -1.39 -0.14
C ASP A 146 -17.31 -0.48 0.35
N LEU A 147 -16.07 -0.89 0.10
CA LEU A 147 -14.92 -0.04 0.40
C LEU A 147 -15.13 1.38 -0.07
N ILE A 148 -15.26 1.55 -1.39
CA ILE A 148 -15.44 2.88 -1.94
C ILE A 148 -16.68 3.55 -1.35
N ALA A 149 -17.78 2.83 -1.31
CA ALA A 149 -19.02 3.39 -0.78
C ALA A 149 -18.79 4.00 0.62
N THR A 150 -18.11 3.28 1.48
CA THR A 150 -17.91 3.78 2.84
C THR A 150 -16.83 4.87 2.91
N LEU A 151 -15.95 4.92 1.92
CA LEU A 151 -15.03 6.05 1.80
C LEU A 151 -15.78 7.31 1.35
N GLY A 152 -17.01 7.13 0.89
CA GLY A 152 -17.78 8.23 0.32
C GLY A 152 -17.40 8.52 -1.12
N GLY A 153 -16.92 7.48 -1.82
CA GLY A 153 -16.52 7.60 -3.20
C GLY A 153 -17.64 7.17 -4.15
N SER A 154 -17.35 7.08 -5.44
CA SER A 154 -18.39 6.74 -6.39
C SER A 154 -18.03 5.68 -7.42
N SER A 155 -16.75 5.35 -7.54
CA SER A 155 -16.33 4.29 -8.46
C SER A 155 -15.02 3.61 -8.06
N SER A 156 -15.02 2.28 -8.11
CA SER A 156 -13.88 1.50 -7.68
C SER A 156 -12.81 1.37 -8.76
N ARG A 157 -13.18 1.62 -10.02
CA ARG A 157 -12.23 1.43 -11.13
C ARG A 157 -12.11 2.68 -11.98
N ARG A 158 -10.96 2.83 -12.62
CA ARG A 158 -10.73 3.95 -13.52
C ARG A 158 -11.28 3.61 -14.91
N ALA A 159 -11.31 4.60 -15.79
CA ALA A 159 -11.88 4.42 -17.13
C ALA A 159 -11.48 3.09 -17.79
N ASP A 160 -10.21 2.70 -17.64
CA ASP A 160 -9.67 1.52 -18.31
C ASP A 160 -9.98 0.19 -17.62
N GLY A 161 -10.78 0.22 -16.56
CA GLY A 161 -11.17 -0.99 -15.84
C GLY A 161 -10.29 -1.40 -14.66
N ALA A 162 -9.09 -0.83 -14.56
CA ALA A 162 -8.25 -1.18 -13.41
C ALA A 162 -8.82 -0.60 -12.13
N TYR A 163 -8.60 -1.30 -11.02
CA TYR A 163 -9.04 -0.78 -9.73
C TYR A 163 -8.31 0.52 -9.42
N ARG A 164 -9.00 1.47 -8.80
CA ARG A 164 -8.31 2.66 -8.29
C ARG A 164 -7.31 2.26 -7.20
N ASP A 165 -6.36 3.16 -6.91
CA ASP A 165 -5.23 2.87 -6.03
C ASP A 165 -5.63 2.30 -4.67
N VAL A 166 -6.57 2.95 -4.00
CA VAL A 166 -6.94 2.52 -2.66
C VAL A 166 -7.48 1.10 -2.68
N ALA A 167 -8.20 0.73 -3.73
CA ALA A 167 -8.72 -0.63 -3.82
C ALA A 167 -7.57 -1.62 -3.98
N ARG A 168 -6.59 -1.28 -4.81
CA ARG A 168 -5.41 -2.12 -5.02
C ARG A 168 -4.61 -2.26 -3.71
N HIS A 169 -4.57 -1.16 -2.97
CA HIS A 169 -3.89 -1.08 -1.70
C HIS A 169 -4.53 -2.06 -0.72
N VAL A 170 -5.85 -1.97 -0.58
CA VAL A 170 -6.54 -2.84 0.35
C VAL A 170 -6.43 -4.30 -0.03
N ARG A 171 -6.48 -4.59 -1.33
CA ARG A 171 -6.32 -5.97 -1.80
C ARG A 171 -5.00 -6.54 -1.30
N SER A 172 -3.92 -5.79 -1.45
CA SER A 172 -2.63 -6.25 -0.96
C SER A 172 -2.67 -6.39 0.57
N THR A 173 -3.25 -5.40 1.24
CA THR A 173 -3.29 -5.43 2.70
C THR A 173 -3.95 -6.71 3.21
N ILE A 174 -5.08 -7.08 2.59
CA ILE A 174 -5.80 -8.28 2.97
C ILE A 174 -5.02 -9.56 2.64
N LEU A 175 -4.39 -9.60 1.46
CA LEU A 175 -3.57 -10.75 1.09
C LEU A 175 -2.46 -10.96 2.14
N LEU A 176 -1.81 -9.88 2.53
CA LEU A 176 -0.74 -9.96 3.52
C LEU A 176 -1.26 -10.37 4.89
N ALA A 177 -2.35 -9.77 5.32
CA ALA A 177 -2.87 -10.06 6.65
C ALA A 177 -3.24 -11.53 6.74
N ALA A 178 -3.90 -12.03 5.71
CA ALA A 178 -4.38 -13.40 5.71
C ALA A 178 -3.23 -14.39 5.78
N SER A 179 -2.24 -14.19 4.91
CA SER A 179 -1.08 -15.08 4.78
C SER A 179 -0.18 -15.06 6.02
N ALA A 180 -0.03 -13.87 6.61
CA ALA A 180 0.81 -13.72 7.80
C ALA A 180 0.28 -14.55 8.99
N PHE A 181 -0.99 -14.95 8.89
CA PHE A 181 -1.64 -15.73 9.93
C PHE A 181 -2.19 -17.06 9.42
N GLY A 182 -1.80 -17.43 8.21
CA GLY A 182 -2.14 -18.73 7.65
C GLY A 182 -3.61 -18.93 7.31
N ARG A 183 -4.30 -17.82 7.02
CA ARG A 183 -5.68 -17.91 6.58
C ARG A 183 -5.77 -18.01 5.06
N LEU A 184 -6.92 -18.45 4.58
CA LEU A 184 -7.21 -18.42 3.16
C LEU A 184 -7.37 -16.98 2.69
N ALA A 185 -6.97 -16.72 1.47
CA ALA A 185 -7.15 -15.42 0.86
C ALA A 185 -8.06 -15.51 -0.37
N LEU A 186 -9.13 -14.72 -0.34
CA LEU A 186 -10.13 -14.72 -1.39
C LEU A 186 -10.13 -13.38 -2.08
N ASP A 187 -10.04 -13.39 -3.40
CA ASP A 187 -10.02 -12.15 -4.17
C ASP A 187 -11.46 -11.67 -4.42
N ALA A 188 -11.61 -10.37 -4.61
CA ALA A 188 -12.89 -9.70 -4.82
C ALA A 188 -13.69 -10.19 -6.02
N VAL A 189 -14.99 -9.94 -5.95
CA VAL A 189 -15.90 -10.35 -7.01
C VAL A 189 -15.73 -9.50 -8.26
N HIS A 190 -16.15 -10.05 -9.39
CA HIS A 190 -16.06 -9.35 -10.65
C HIS A 190 -17.48 -9.11 -11.10
N LEU A 191 -17.92 -7.85 -11.01
CA LEU A 191 -19.32 -7.48 -11.17
C LEU A 191 -19.78 -7.42 -12.62
N ASP A 192 -18.84 -7.22 -13.54
CA ASP A 192 -19.17 -7.20 -14.97
C ASP A 192 -19.33 -8.64 -15.50
N ILE A 193 -20.54 -9.15 -15.44
CA ILE A 193 -20.80 -10.55 -15.75
C ILE A 193 -20.18 -11.02 -17.06
N LEU A 194 -20.28 -10.21 -18.10
CA LEU A 194 -19.87 -10.60 -19.45
C LEU A 194 -18.40 -10.32 -19.75
N ASP A 195 -17.76 -9.55 -18.89
CA ASP A 195 -16.34 -9.23 -19.06
C ASP A 195 -15.46 -10.42 -18.66
N VAL A 196 -15.56 -11.50 -19.44
CA VAL A 196 -14.79 -12.70 -19.20
C VAL A 196 -13.30 -12.41 -19.21
N GLU A 197 -12.89 -11.57 -20.14
CA GLU A 197 -11.47 -11.27 -20.34
C GLU A 197 -10.85 -10.61 -19.12
N GLY A 198 -11.55 -9.64 -18.54
CA GLY A 198 -11.07 -8.93 -17.37
C GLY A 198 -11.00 -9.81 -16.14
N LEU A 199 -12.02 -10.66 -15.97
CA LEU A 199 -12.06 -11.64 -14.90
C LEU A 199 -10.87 -12.58 -15.00
N GLN A 200 -10.59 -13.05 -16.22
CA GLN A 200 -9.48 -13.96 -16.45
C GLN A 200 -8.15 -13.35 -16.02
N GLU A 201 -7.90 -12.13 -16.48
CA GLU A 201 -6.69 -11.40 -16.14
C GLU A 201 -6.58 -11.17 -14.65
N GLU A 202 -7.71 -10.89 -14.02
CA GLU A 202 -7.75 -10.63 -12.58
C GLU A 202 -7.45 -11.90 -11.81
N ALA A 203 -8.03 -13.02 -12.23
CA ALA A 203 -7.87 -14.29 -11.54
C ALA A 203 -6.50 -14.96 -11.79
N ARG A 204 -5.91 -14.72 -12.96
CA ARG A 204 -4.55 -15.20 -13.21
C ARG A 204 -3.62 -14.51 -12.24
N ASP A 205 -3.78 -13.19 -12.11
CA ASP A 205 -2.95 -12.41 -11.20
C ASP A 205 -3.18 -12.84 -9.75
N ALA A 206 -4.44 -13.01 -9.35
CA ALA A 206 -4.76 -13.53 -8.03
C ALA A 206 -4.09 -14.87 -7.76
N ALA A 207 -4.16 -15.77 -8.73
CA ALA A 207 -3.49 -17.07 -8.58
C ALA A 207 -1.97 -16.88 -8.44
N ALA A 208 -1.41 -15.97 -9.24
CA ALA A 208 0.03 -15.71 -9.24
C ALA A 208 0.58 -15.20 -7.91
N VAL A 209 -0.19 -14.38 -7.19
CA VAL A 209 0.27 -13.82 -5.92
C VAL A 209 -0.16 -14.60 -4.72
N GLY A 210 -0.94 -15.66 -4.93
CA GLY A 210 -1.25 -16.58 -3.87
C GLY A 210 -2.62 -16.46 -3.23
N PHE A 211 -3.55 -15.75 -3.84
CA PHE A 211 -4.94 -15.85 -3.40
C PHE A 211 -5.35 -17.30 -3.61
N ASP A 212 -6.24 -17.80 -2.75
CA ASP A 212 -6.69 -19.18 -2.83
C ASP A 212 -8.02 -19.32 -3.54
N VAL A 213 -8.76 -18.23 -3.56
CA VAL A 213 -10.07 -18.23 -4.17
C VAL A 213 -10.30 -16.94 -4.93
N THR A 214 -11.01 -17.04 -6.05
CA THR A 214 -11.66 -15.90 -6.68
C THR A 214 -13.16 -16.11 -6.54
N VAL A 215 -13.84 -15.21 -5.83
CA VAL A 215 -15.26 -15.37 -5.63
C VAL A 215 -16.02 -14.83 -6.83
N CYS A 216 -16.89 -15.68 -7.36
CA CYS A 216 -17.68 -15.36 -8.56
C CYS A 216 -19.11 -14.98 -8.18
N ILE A 217 -19.80 -14.25 -9.05
CA ILE A 217 -21.20 -13.93 -8.79
C ILE A 217 -22.17 -14.55 -9.81
N HIS A 218 -21.63 -15.28 -10.79
CA HIS A 218 -22.44 -15.89 -11.84
C HIS A 218 -21.73 -17.19 -12.23
N PRO A 219 -22.51 -18.27 -12.44
CA PRO A 219 -21.86 -19.58 -12.61
C PRO A 219 -21.02 -19.65 -13.86
N SER A 220 -21.29 -18.76 -14.82
CA SER A 220 -20.50 -18.74 -16.04
C SER A 220 -19.07 -18.33 -15.74
N GLN A 221 -18.86 -17.73 -14.57
CA GLN A 221 -17.54 -17.25 -14.22
C GLN A 221 -16.64 -18.39 -13.76
N ILE A 222 -17.25 -19.45 -13.26
CA ILE A 222 -16.50 -20.52 -12.61
C ILE A 222 -15.45 -21.15 -13.53
N PRO A 223 -15.86 -21.53 -14.75
CA PRO A 223 -14.89 -22.16 -15.65
C PRO A 223 -13.70 -21.25 -15.92
N VAL A 224 -13.95 -19.95 -16.00
CA VAL A 224 -12.89 -18.96 -16.26
C VAL A 224 -11.88 -18.93 -15.10
N VAL A 225 -12.40 -18.87 -13.88
CA VAL A 225 -11.57 -18.87 -12.69
C VAL A 225 -10.75 -20.16 -12.60
N ARG A 226 -11.40 -21.30 -12.82
CA ARG A 226 -10.70 -22.58 -12.75
C ARG A 226 -9.55 -22.66 -13.77
N LYS A 227 -9.84 -22.30 -15.01
CA LYS A 227 -8.79 -22.27 -16.00
C LYS A 227 -7.72 -21.24 -15.60
N ALA A 228 -8.14 -20.10 -15.09
CA ALA A 228 -7.15 -19.07 -14.74
C ALA A 228 -6.23 -19.54 -13.63
N TYR A 229 -6.71 -20.39 -12.74
CA TYR A 229 -5.86 -20.87 -11.66
C TYR A 229 -5.00 -22.06 -12.10
N ARG A 230 -5.13 -22.48 -13.35
CA ARG A 230 -4.15 -23.40 -13.94
C ARG A 230 -3.09 -22.61 -14.69
N PRO A 231 -1.81 -22.79 -14.31
CA PRO A 231 -0.74 -22.00 -14.91
C PRO A 231 -0.68 -22.17 -16.42
N SER A 232 -0.25 -21.13 -17.12
CA SER A 232 -0.09 -21.18 -18.56
C SER A 232 0.79 -22.36 -18.99
N HIS A 233 0.63 -22.84 -20.22
CA HIS A 233 1.47 -23.91 -20.75
C HIS A 233 2.96 -23.55 -20.74
N GLU A 234 3.27 -22.31 -21.11
CA GLU A 234 4.65 -21.81 -21.12
C GLU A 234 5.22 -21.72 -19.70
N LYS A 235 4.35 -21.51 -18.72
CA LYS A 235 4.77 -21.46 -17.32
C LYS A 235 5.09 -22.85 -16.81
N LEU A 236 4.23 -23.82 -17.10
CA LEU A 236 4.47 -25.20 -16.67
C LEU A 236 5.74 -25.73 -17.31
N ALA A 237 5.92 -25.39 -18.57
CA ALA A 237 7.13 -25.78 -19.29
C ALA A 237 8.34 -25.25 -18.55
N TRP A 238 8.30 -23.96 -18.19
CA TRP A 238 9.40 -23.37 -17.44
C TRP A 238 9.62 -24.05 -16.09
N ALA A 239 8.57 -24.19 -15.30
CA ALA A 239 8.67 -24.85 -14.02
C ALA A 239 9.35 -26.22 -14.16
N ARG A 240 8.90 -27.03 -15.11
CA ARG A 240 9.53 -28.31 -15.41
C ARG A 240 11.01 -28.16 -15.71
N ARG A 241 11.36 -27.19 -16.53
CA ARG A 241 12.76 -27.00 -16.91
C ARG A 241 13.64 -26.68 -15.70
N VAL A 242 13.26 -25.64 -14.95
CA VAL A 242 14.08 -25.15 -13.83
C VAL A 242 14.18 -26.16 -12.70
N LEU A 243 13.09 -26.87 -12.45
CA LEU A 243 13.14 -27.92 -11.45
C LEU A 243 14.13 -29.01 -11.88
N ALA A 244 14.12 -29.38 -13.16
CA ALA A 244 15.04 -30.42 -13.61
C ALA A 244 16.47 -29.91 -13.50
N ALA A 245 16.73 -28.70 -14.01
CA ALA A 245 18.07 -28.13 -13.95
C ALA A 245 18.61 -28.04 -12.52
N SER A 246 17.72 -27.75 -11.57
CA SER A 246 18.12 -27.59 -10.17
C SER A 246 18.63 -28.91 -9.57
N ARG A 247 18.22 -30.03 -10.17
CA ARG A 247 18.63 -31.33 -9.64
C ARG A 247 20.11 -31.62 -9.92
N SER A 248 20.73 -30.75 -10.72
CA SER A 248 22.14 -30.87 -11.06
C SER A 248 22.92 -29.75 -10.39
N GLU A 249 22.22 -28.97 -9.56
CA GLU A 249 22.82 -27.79 -8.94
C GLU A 249 22.87 -27.86 -7.41
N ARG A 250 23.77 -27.08 -6.84
CA ARG A 250 23.82 -26.89 -5.40
C ARG A 250 23.68 -25.41 -5.13
N GLY A 251 22.50 -24.97 -4.72
CA GLY A 251 22.30 -23.58 -4.37
C GLY A 251 21.98 -22.69 -5.56
N ALA A 252 22.48 -21.46 -5.54
CA ALA A 252 22.10 -20.47 -6.53
C ALA A 252 22.82 -20.76 -7.84
N PHE A 253 22.09 -20.68 -8.94
CA PHE A 253 22.68 -20.82 -10.27
C PHE A 253 21.96 -19.93 -11.26
N ALA A 254 22.52 -19.84 -12.47
CA ALA A 254 21.88 -19.09 -13.52
C ALA A 254 21.18 -20.08 -14.44
N PHE A 255 19.92 -19.82 -14.73
CA PHE A 255 19.17 -20.61 -15.69
C PHE A 255 18.46 -19.65 -16.62
N GLU A 256 18.75 -19.76 -17.92
CA GLU A 256 18.09 -18.95 -18.91
C GLU A 256 18.14 -17.48 -18.55
N GLY A 257 19.34 -16.99 -18.23
CA GLY A 257 19.56 -15.59 -17.95
C GLY A 257 19.21 -15.07 -16.55
N GLN A 258 18.59 -15.90 -15.72
CA GLN A 258 18.15 -15.45 -14.41
C GLN A 258 18.80 -16.22 -13.27
N MET A 259 18.98 -15.55 -12.14
CA MET A 259 19.49 -16.22 -10.95
C MET A 259 18.39 -17.07 -10.34
N VAL A 260 18.65 -18.38 -10.25
CA VAL A 260 17.71 -19.26 -9.58
C VAL A 260 18.18 -19.62 -8.18
N ASP A 261 17.25 -19.68 -7.24
CA ASP A 261 17.51 -20.35 -5.98
C ASP A 261 16.20 -20.73 -5.31
N SER A 262 16.31 -21.19 -4.07
CA SER A 262 15.20 -21.75 -3.31
C SER A 262 13.77 -21.24 -3.57
N PRO A 263 13.52 -19.92 -3.40
CA PRO A 263 12.14 -19.43 -3.54
C PRO A 263 11.58 -19.48 -4.97
N VAL A 264 12.45 -19.23 -5.95
CA VAL A 264 12.08 -19.41 -7.36
C VAL A 264 11.73 -20.88 -7.64
N LEU A 265 12.52 -21.80 -7.10
CA LEU A 265 12.21 -23.21 -7.25
C LEU A 265 10.89 -23.50 -6.55
N THR A 266 10.59 -22.71 -5.52
CA THR A 266 9.34 -22.89 -4.80
C THR A 266 8.17 -22.45 -5.67
N HIS A 267 8.36 -21.38 -6.45
CA HIS A 267 7.32 -20.90 -7.34
C HIS A 267 7.03 -21.93 -8.41
N ALA A 268 8.07 -22.58 -8.91
CA ALA A 268 7.94 -23.61 -9.93
C ALA A 268 7.13 -24.79 -9.40
N GLU A 269 7.41 -25.17 -8.15
CA GLU A 269 6.73 -26.30 -7.53
C GLU A 269 5.26 -25.96 -7.39
N THR A 270 5.00 -24.68 -7.14
CA THR A 270 3.64 -24.26 -6.87
C THR A 270 2.80 -24.29 -8.14
N MET A 271 3.42 -23.92 -9.26
CA MET A 271 2.72 -23.99 -10.55
C MET A 271 2.35 -25.43 -10.88
N LEU A 272 3.33 -26.33 -10.73
CA LEU A 272 3.09 -27.75 -10.97
C LEU A 272 2.05 -28.36 -10.04
N ARG A 273 2.09 -28.00 -8.76
CA ARG A 273 1.01 -28.36 -7.86
C ARG A 273 -0.33 -27.83 -8.36
N ARG A 274 -0.38 -26.56 -8.77
CA ARG A 274 -1.67 -26.01 -9.18
C ARG A 274 -2.23 -26.73 -10.39
N ALA A 275 -1.36 -27.05 -11.34
CA ALA A 275 -1.71 -27.81 -12.54
C ALA A 275 -2.24 -29.20 -12.20
N GLY A 276 -1.62 -29.86 -11.22
CA GLY A 276 -2.07 -31.18 -10.79
C GLY A 276 -3.37 -31.11 -10.02
N GLU A 277 -3.59 -29.98 -9.34
CA GLU A 277 -4.84 -29.75 -8.64
C GLU A 277 -5.95 -29.40 -9.61
N LEU B 11 28.62 2.30 7.22
CA LEU B 11 28.02 1.62 6.08
C LEU B 11 27.22 2.58 5.22
N ARG B 12 26.69 3.61 5.86
CA ARG B 12 25.92 4.63 5.15
C ARG B 12 26.87 5.51 4.33
N ALA B 13 28.17 5.26 4.46
CA ALA B 13 29.19 6.03 3.75
C ALA B 13 29.65 5.39 2.43
N ALA B 14 29.24 4.14 2.19
CA ALA B 14 29.63 3.43 0.98
C ALA B 14 28.61 3.70 -0.10
N GLY B 15 28.98 3.55 -1.36
CA GLY B 15 28.02 3.76 -2.44
C GLY B 15 26.87 2.76 -2.46
N PRO B 16 25.94 2.93 -3.42
CA PRO B 16 24.69 2.17 -3.51
C PRO B 16 24.84 0.76 -4.10
N GLY B 17 26.02 0.46 -4.63
CA GLY B 17 26.22 -0.80 -5.33
C GLY B 17 26.64 -1.91 -4.39
N TRP B 18 25.68 -2.57 -3.77
CA TRP B 18 25.98 -3.72 -2.92
C TRP B 18 25.87 -4.99 -3.75
N LEU B 19 26.72 -5.98 -3.45
CA LEU B 19 26.75 -7.23 -4.22
C LEU B 19 26.71 -8.48 -3.34
N PHE B 20 25.76 -9.37 -3.64
CA PHE B 20 25.73 -10.71 -3.02
C PHE B 20 26.82 -11.63 -3.57
N CYS B 21 27.40 -12.46 -2.70
CA CYS B 21 28.24 -13.57 -3.16
C CYS B 21 28.09 -14.71 -2.15
N PRO B 22 27.73 -15.91 -2.64
CA PRO B 22 27.54 -17.06 -1.75
C PRO B 22 28.85 -17.38 -1.02
N ALA B 23 28.75 -17.80 0.24
CA ALA B 23 29.95 -18.01 1.04
C ALA B 23 30.68 -19.30 0.64
N ASP B 24 30.02 -20.13 -0.16
CA ASP B 24 30.64 -21.38 -0.57
C ASP B 24 31.59 -21.17 -1.73
N ARG B 25 31.67 -19.94 -2.24
CA ARG B 25 32.52 -19.63 -3.39
C ARG B 25 33.58 -18.56 -3.12
N PRO B 26 34.51 -18.85 -2.19
CA PRO B 26 35.56 -17.94 -1.70
C PRO B 26 36.48 -17.41 -2.79
N GLU B 27 36.62 -18.14 -3.90
CA GLU B 27 37.46 -17.69 -5.01
C GLU B 27 36.94 -16.39 -5.65
N ARG B 28 35.69 -16.04 -5.36
CA ARG B 28 35.09 -14.81 -5.90
C ARG B 28 35.05 -13.67 -4.91
N PHE B 29 35.52 -13.90 -3.70
CA PHE B 29 35.37 -12.89 -2.65
C PHE B 29 36.05 -11.59 -3.01
N ALA B 30 37.31 -11.68 -3.43
CA ALA B 30 38.08 -10.48 -3.69
C ALA B 30 37.57 -9.79 -4.95
N LYS B 31 37.09 -10.56 -5.92
CA LYS B 31 36.54 -9.96 -7.13
C LYS B 31 35.29 -9.18 -6.75
N ALA B 32 34.48 -9.77 -5.89
CA ALA B 32 33.26 -9.09 -5.46
C ALA B 32 33.60 -7.84 -4.64
N ALA B 33 34.50 -7.98 -3.67
CA ALA B 33 35.00 -6.84 -2.91
C ALA B 33 35.54 -5.73 -3.84
N ALA B 34 36.10 -6.14 -4.98
CA ALA B 34 36.66 -5.20 -5.96
C ALA B 34 35.59 -4.49 -6.78
N ALA B 35 34.63 -5.27 -7.25
CA ALA B 35 33.55 -4.75 -8.07
C ALA B 35 32.64 -3.82 -7.28
N ALA B 36 32.34 -4.18 -6.03
CA ALA B 36 31.23 -3.58 -5.30
C ALA B 36 31.63 -2.56 -4.23
N ASP B 37 30.64 -1.82 -3.73
CA ASP B 37 30.83 -0.88 -2.61
C ASP B 37 30.81 -1.64 -1.28
N VAL B 38 29.85 -2.56 -1.18
CA VAL B 38 29.74 -3.42 -0.03
C VAL B 38 29.46 -4.83 -0.54
N VAL B 39 29.98 -5.85 0.15
CA VAL B 39 29.71 -7.24 -0.26
C VAL B 39 28.83 -7.91 0.80
N ILE B 40 27.83 -8.66 0.35
CA ILE B 40 27.06 -9.49 1.26
C ILE B 40 27.46 -10.95 1.00
N LEU B 41 28.19 -11.53 1.95
CA LEU B 41 28.56 -12.93 1.90
C LEU B 41 27.37 -13.73 2.41
N ASP B 42 26.93 -14.72 1.65
CA ASP B 42 25.66 -15.36 1.92
C ASP B 42 25.79 -16.80 2.44
N LEU B 43 25.15 -17.09 3.58
CA LEU B 43 25.12 -18.43 4.17
C LEU B 43 23.77 -19.11 4.01
N GLU B 44 22.77 -18.34 3.59
CA GLU B 44 21.40 -18.84 3.43
C GLU B 44 21.08 -19.40 2.02
N ASP B 45 20.05 -18.87 1.36
CA ASP B 45 19.54 -19.50 0.13
C ASP B 45 20.49 -19.66 -1.08
N GLY B 46 21.52 -18.81 -1.18
CA GLY B 46 22.53 -18.94 -2.22
C GLY B 46 23.41 -20.18 -2.06
N VAL B 47 23.42 -20.74 -0.85
CA VAL B 47 24.23 -21.91 -0.52
C VAL B 47 23.36 -23.11 -0.16
N ALA B 48 23.62 -24.25 -0.80
CA ALA B 48 22.84 -25.46 -0.54
C ALA B 48 23.13 -25.99 0.84
N GLU B 49 22.13 -26.58 1.49
CA GLU B 49 22.28 -27.05 2.85
C GLU B 49 23.57 -27.85 3.08
N ALA B 50 23.98 -28.65 2.08
CA ALA B 50 25.15 -29.51 2.24
C ALA B 50 26.45 -28.74 2.06
N GLN B 51 26.33 -27.49 1.60
CA GLN B 51 27.48 -26.64 1.35
C GLN B 51 27.67 -25.62 2.47
N LYS B 52 26.70 -25.56 3.38
CA LYS B 52 26.77 -24.57 4.46
C LYS B 52 28.07 -24.66 5.26
N PRO B 53 28.42 -25.85 5.76
CA PRO B 53 29.61 -25.90 6.64
C PRO B 53 30.88 -25.41 5.94
N ALA B 54 31.04 -25.73 4.66
CA ALA B 54 32.17 -25.23 3.87
C ALA B 54 32.10 -23.72 3.67
N ALA B 55 30.90 -23.20 3.45
CA ALA B 55 30.71 -21.76 3.37
C ALA B 55 31.27 -21.10 4.64
N ARG B 56 30.89 -21.65 5.79
CA ARG B 56 31.33 -21.16 7.09
C ARG B 56 32.84 -21.26 7.23
N ASN B 57 33.40 -22.42 6.92
CA ASN B 57 34.84 -22.53 6.81
C ASN B 57 35.43 -21.43 5.93
N ALA B 58 34.80 -21.19 4.78
CA ALA B 58 35.33 -20.21 3.85
C ALA B 58 35.22 -18.80 4.40
N LEU B 59 34.18 -18.56 5.19
CA LEU B 59 34.00 -17.26 5.80
C LEU B 59 35.20 -16.92 6.67
N ARG B 60 35.48 -17.78 7.65
CA ARG B 60 36.62 -17.59 8.55
C ARG B 60 37.97 -17.62 7.83
N ASP B 61 38.10 -18.45 6.80
CA ASP B 61 39.39 -18.66 6.15
C ASP B 61 39.72 -17.65 5.04
N THR B 62 38.72 -16.93 4.55
CA THR B 62 38.92 -15.96 3.47
C THR B 62 38.28 -14.61 3.76
N PRO B 63 38.81 -13.90 4.76
CA PRO B 63 38.18 -12.68 5.29
C PRO B 63 38.27 -11.51 4.31
N LEU B 64 37.29 -10.61 4.39
CA LEU B 64 37.30 -9.36 3.64
C LEU B 64 37.21 -8.19 4.63
N ASP B 65 37.37 -6.97 4.11
CA ASP B 65 37.31 -5.80 4.97
C ASP B 65 35.97 -5.78 5.69
N PRO B 66 35.98 -6.07 7.00
CA PRO B 66 34.73 -6.18 7.74
C PRO B 66 33.90 -4.90 7.63
N GLU B 67 34.58 -3.81 7.30
CA GLU B 67 33.96 -2.50 7.19
C GLU B 67 33.16 -2.36 5.90
N ARG B 68 33.35 -3.31 4.98
CA ARG B 68 32.69 -3.25 3.69
C ARG B 68 32.04 -4.59 3.39
N THR B 69 31.82 -5.37 4.44
CA THR B 69 31.23 -6.68 4.27
C THR B 69 30.15 -6.94 5.28
N VAL B 70 29.04 -7.50 4.79
CA VAL B 70 27.93 -7.92 5.62
C VAL B 70 27.74 -9.39 5.35
N VAL B 71 27.32 -10.12 6.37
CA VAL B 71 27.08 -11.56 6.22
C VAL B 71 25.59 -11.89 6.37
N ARG B 72 25.00 -12.45 5.34
CA ARG B 72 23.62 -12.91 5.49
C ARG B 72 23.63 -14.30 6.13
N ILE B 73 23.10 -14.37 7.34
CA ILE B 73 23.02 -15.61 8.10
C ILE B 73 21.67 -16.26 7.79
N ASN B 74 21.36 -17.37 8.46
CA ASN B 74 20.07 -18.03 8.27
C ASN B 74 18.93 -17.44 9.17
N ALA B 75 17.69 -17.88 8.98
CA ALA B 75 16.55 -17.25 9.66
C ALA B 75 16.47 -17.63 11.14
N GLY B 76 15.77 -16.81 11.92
CA GLY B 76 15.66 -17.01 13.36
C GLY B 76 15.05 -18.35 13.70
N GLY B 77 15.61 -19.01 14.71
CA GLY B 77 15.08 -20.28 15.20
C GLY B 77 15.55 -21.52 14.46
N THR B 78 16.46 -21.36 13.51
CA THR B 78 17.00 -22.50 12.76
C THR B 78 18.36 -22.95 13.28
N ALA B 79 18.63 -24.25 13.20
CA ALA B 79 19.92 -24.80 13.58
C ALA B 79 21.02 -24.16 12.75
N ASP B 80 20.70 -23.83 11.51
CA ASP B 80 21.64 -23.16 10.62
C ASP B 80 22.10 -21.83 11.19
N GLN B 81 21.16 -21.00 11.64
CA GLN B 81 21.57 -19.70 12.16
C GLN B 81 22.52 -19.88 13.32
N ALA B 82 22.19 -20.82 14.21
CA ALA B 82 23.04 -21.09 15.35
C ALA B 82 24.47 -21.43 14.92
N ARG B 83 24.61 -22.30 13.92
CA ARG B 83 25.91 -22.64 13.39
C ARG B 83 26.57 -21.43 12.71
N ASP B 84 25.75 -20.58 12.11
CA ASP B 84 26.26 -19.34 11.49
C ASP B 84 26.93 -18.43 12.53
N LEU B 85 26.20 -18.12 13.59
CA LEU B 85 26.74 -17.24 14.63
C LEU B 85 27.98 -17.88 15.21
N GLU B 86 27.92 -19.18 15.44
CA GLU B 86 29.05 -19.90 15.99
C GLU B 86 30.26 -19.69 15.09
N ALA B 87 30.04 -19.73 13.79
CA ALA B 87 31.13 -19.58 12.84
C ALA B 87 31.63 -18.13 12.83
N LEU B 88 30.69 -17.18 12.97
CA LEU B 88 31.01 -15.76 12.92
C LEU B 88 31.84 -15.31 14.12
N ALA B 89 31.75 -16.07 15.20
CA ALA B 89 32.54 -15.78 16.39
C ALA B 89 34.01 -15.65 16.02
N GLY B 90 34.47 -16.49 15.11
CA GLY B 90 35.86 -16.50 14.69
C GLY B 90 36.18 -15.54 13.56
N THR B 91 35.36 -14.50 13.40
CA THR B 91 35.56 -13.52 12.34
C THR B 91 35.46 -12.16 12.94
N ALA B 92 35.74 -11.13 12.16
CA ALA B 92 35.58 -9.77 12.64
C ALA B 92 34.32 -9.11 12.07
N TYR B 93 33.41 -9.90 11.51
CA TYR B 93 32.19 -9.34 10.93
C TYR B 93 31.19 -8.96 12.02
N THR B 94 30.73 -7.71 11.99
CA THR B 94 29.87 -7.18 13.05
C THR B 94 28.47 -6.83 12.57
N THR B 95 28.27 -6.95 11.26
CA THR B 95 26.98 -6.66 10.66
C THR B 95 26.46 -7.88 9.93
N VAL B 96 25.23 -8.27 10.24
CA VAL B 96 24.60 -9.43 9.63
C VAL B 96 23.30 -9.06 8.95
N MET B 97 22.99 -9.80 7.90
CA MET B 97 21.67 -9.70 7.29
C MET B 97 20.80 -10.84 7.77
N LEU B 98 19.59 -10.51 8.20
CA LEU B 98 18.68 -11.49 8.76
C LEU B 98 17.55 -11.82 7.78
N PRO B 99 17.54 -13.05 7.27
CA PRO B 99 16.48 -13.43 6.33
C PRO B 99 15.14 -13.66 7.04
N LYS B 100 14.05 -13.59 6.29
CA LYS B 100 12.72 -13.92 6.83
C LYS B 100 12.47 -13.21 8.15
N ALA B 101 12.95 -11.97 8.24
CA ALA B 101 12.78 -11.19 9.45
C ALA B 101 11.27 -10.99 9.76
N GLU B 102 10.83 -11.48 10.91
CA GLU B 102 9.40 -11.53 11.20
C GLU B 102 8.99 -10.88 12.50
N SER B 103 9.95 -10.43 13.29
CA SER B 103 9.63 -9.72 14.53
C SER B 103 10.82 -8.93 15.06
N ALA B 104 10.55 -7.99 15.96
CA ALA B 104 11.61 -7.27 16.64
C ALA B 104 12.52 -8.27 17.39
N ALA B 105 11.91 -9.28 17.99
CA ALA B 105 12.65 -10.23 18.81
C ALA B 105 13.74 -10.98 18.02
N GLN B 106 13.47 -11.26 16.75
CA GLN B 106 14.48 -11.95 15.94
C GLN B 106 15.72 -11.11 15.66
N VAL B 107 15.54 -9.78 15.63
CA VAL B 107 16.65 -8.87 15.40
C VAL B 107 17.40 -8.63 16.71
N ILE B 108 16.62 -8.39 17.77
CA ILE B 108 17.17 -8.09 19.07
C ILE B 108 18.06 -9.21 19.59
N GLU B 109 17.73 -10.44 19.26
CA GLU B 109 18.52 -11.54 19.77
C GLU B 109 19.90 -11.60 19.10
N LEU B 110 20.08 -10.80 18.05
CA LEU B 110 21.36 -10.77 17.34
C LEU B 110 22.32 -9.73 17.90
N ALA B 111 21.84 -8.92 18.85
CA ALA B 111 22.68 -7.99 19.58
C ALA B 111 23.89 -8.76 20.12
N PRO B 112 25.07 -8.12 20.10
CA PRO B 112 25.28 -6.71 19.79
C PRO B 112 25.67 -6.41 18.35
N ARG B 113 25.44 -7.34 17.43
CA ARG B 113 25.73 -7.10 16.02
C ARG B 113 24.75 -6.10 15.43
N ASP B 114 25.14 -5.41 14.38
CA ASP B 114 24.21 -4.56 13.65
C ASP B 114 23.45 -5.42 12.64
N VAL B 115 22.14 -5.21 12.55
CA VAL B 115 21.31 -6.07 11.73
C VAL B 115 20.67 -5.32 10.57
N ILE B 116 20.83 -5.85 9.37
CA ILE B 116 19.95 -5.44 8.28
C ILE B 116 18.83 -6.49 8.21
N ALA B 117 17.61 -6.06 8.52
CA ALA B 117 16.46 -6.96 8.42
C ALA B 117 16.01 -7.11 6.97
N LEU B 118 15.93 -8.35 6.49
CA LEU B 118 15.38 -8.63 5.17
C LEU B 118 13.95 -9.17 5.34
N VAL B 119 12.98 -8.28 5.11
CA VAL B 119 11.57 -8.60 5.19
C VAL B 119 11.09 -9.16 3.85
N GLU B 120 10.70 -10.42 3.87
CA GLU B 120 10.38 -11.13 2.65
C GLU B 120 9.32 -12.18 2.90
N THR B 121 8.48 -11.93 3.89
CA THR B 121 7.33 -12.76 4.15
C THR B 121 6.20 -11.82 4.50
N ALA B 122 4.97 -12.33 4.46
CA ALA B 122 3.82 -11.53 4.85
C ALA B 122 3.91 -11.11 6.32
N ARG B 123 4.26 -12.02 7.23
CA ARG B 123 4.39 -11.66 8.65
C ARG B 123 5.39 -10.52 8.85
N GLY B 124 6.59 -10.69 8.29
CA GLY B 124 7.58 -9.61 8.25
C GLY B 124 6.95 -8.29 7.83
N ALA B 125 6.26 -8.30 6.70
CA ALA B 125 5.61 -7.09 6.19
C ALA B 125 4.61 -6.48 7.17
N VAL B 126 3.78 -7.33 7.78
CA VAL B 126 2.82 -6.87 8.77
C VAL B 126 3.51 -6.26 10.01
N CYS B 127 4.77 -6.66 10.25
CA CYS B 127 5.52 -6.21 11.41
C CYS B 127 6.72 -5.30 11.07
N ALA B 128 6.75 -4.76 9.86
CA ALA B 128 7.92 -4.01 9.40
C ALA B 128 8.34 -2.89 10.37
N ALA B 129 7.38 -2.12 10.88
CA ALA B 129 7.73 -0.97 11.71
C ALA B 129 8.36 -1.45 13.00
N GLU B 130 7.82 -2.53 13.54
CA GLU B 130 8.35 -3.15 14.75
C GLU B 130 9.80 -3.57 14.52
N ILE B 131 10.03 -4.23 13.38
CA ILE B 131 11.36 -4.69 13.01
C ILE B 131 12.33 -3.52 12.86
N ALA B 132 11.87 -2.48 12.15
CA ALA B 132 12.67 -1.29 11.89
C ALA B 132 13.13 -0.56 13.15
N ALA B 133 12.25 -0.49 14.14
CA ALA B 133 12.48 0.21 15.39
C ALA B 133 13.44 -0.50 16.34
N ALA B 134 13.53 -1.82 16.26
CA ALA B 134 14.42 -2.59 17.13
C ALA B 134 15.83 -1.99 17.14
N ASP B 135 16.47 -2.02 18.31
CA ASP B 135 17.75 -1.33 18.52
C ASP B 135 18.92 -1.76 17.61
N PRO B 136 19.07 -3.07 17.33
CA PRO B 136 20.18 -3.46 16.47
C PRO B 136 19.97 -3.14 14.98
N THR B 137 18.73 -2.96 14.54
CA THR B 137 18.49 -2.71 13.13
C THR B 137 19.26 -1.48 12.64
N VAL B 138 20.04 -1.63 11.58
CA VAL B 138 20.64 -0.46 10.95
C VAL B 138 20.10 -0.28 9.54
N GLY B 139 19.39 -1.29 9.04
CA GLY B 139 18.84 -1.23 7.69
C GLY B 139 17.68 -2.14 7.43
N MET B 140 16.91 -1.84 6.39
CA MET B 140 15.86 -2.75 5.95
C MET B 140 16.03 -3.02 4.47
N MET B 141 15.79 -4.27 4.10
CA MET B 141 15.71 -4.72 2.72
C MET B 141 14.42 -5.53 2.59
N TRP B 142 13.92 -5.65 1.37
CA TRP B 142 12.76 -6.50 1.10
C TRP B 142 13.11 -7.48 0.01
N GLY B 143 12.38 -8.58 -0.08
CA GLY B 143 12.62 -9.60 -1.09
C GLY B 143 11.32 -10.08 -1.70
N ALA B 144 11.19 -9.94 -3.02
CA ALA B 144 9.90 -10.24 -3.67
C ALA B 144 9.60 -11.74 -3.76
N GLU B 145 10.65 -12.55 -3.94
CA GLU B 145 10.47 -13.95 -4.30
C GLU B 145 10.16 -14.85 -3.10
N ASP B 146 10.84 -14.68 -1.97
CA ASP B 146 10.35 -15.36 -0.76
C ASP B 146 8.95 -14.87 -0.40
N LEU B 147 8.72 -13.56 -0.51
CA LEU B 147 7.40 -13.00 -0.26
C LEU B 147 6.34 -13.77 -1.04
N ILE B 148 6.50 -13.84 -2.35
CA ILE B 148 5.51 -14.51 -3.17
C ILE B 148 5.43 -15.98 -2.78
N ALA B 149 6.59 -16.59 -2.54
CA ALA B 149 6.65 -18.00 -2.19
C ALA B 149 5.86 -18.28 -0.92
N THR B 150 5.92 -17.36 0.04
CA THR B 150 5.26 -17.59 1.31
C THR B 150 3.79 -17.28 1.25
N LEU B 151 3.39 -16.43 0.31
CA LEU B 151 1.97 -16.19 0.05
C LEU B 151 1.30 -17.37 -0.65
N GLY B 152 2.10 -18.29 -1.17
CA GLY B 152 1.56 -19.41 -1.94
C GLY B 152 1.35 -19.04 -3.41
N GLY B 153 2.07 -18.01 -3.83
CA GLY B 153 2.05 -17.54 -5.20
C GLY B 153 3.11 -18.18 -6.07
N SER B 154 3.18 -17.77 -7.34
CA SER B 154 4.08 -18.40 -8.30
C SER B 154 4.93 -17.44 -9.12
N SER B 155 4.63 -16.13 -9.06
CA SER B 155 5.45 -15.15 -9.76
C SER B 155 5.35 -13.74 -9.18
N SER B 156 6.49 -13.08 -9.04
CA SER B 156 6.55 -11.74 -8.47
C SER B 156 6.20 -10.66 -9.48
N ARG B 157 6.25 -11.01 -10.77
CA ARG B 157 6.12 -10.02 -11.85
C ARG B 157 5.03 -10.35 -12.87
N ARG B 158 4.42 -9.29 -13.40
CA ARG B 158 3.46 -9.39 -14.49
C ARG B 158 4.15 -9.69 -15.82
N ALA B 159 3.36 -9.78 -16.87
CA ALA B 159 3.87 -10.08 -18.21
C ALA B 159 4.85 -9.01 -18.67
N ASP B 160 4.61 -7.77 -18.29
CA ASP B 160 5.45 -6.66 -18.76
C ASP B 160 6.71 -6.42 -17.93
N GLY B 161 6.99 -7.30 -16.96
CA GLY B 161 8.16 -7.16 -16.10
C GLY B 161 7.90 -6.42 -14.80
N ALA B 162 6.79 -5.70 -14.73
CA ALA B 162 6.50 -4.92 -13.53
C ALA B 162 6.15 -5.84 -12.36
N TYR B 163 6.60 -5.46 -11.16
CA TYR B 163 6.29 -6.20 -9.95
C TYR B 163 4.80 -6.23 -9.79
N ARG B 164 4.25 -7.37 -9.37
CA ARG B 164 2.83 -7.40 -9.02
C ARG B 164 2.55 -6.48 -7.81
N ASP B 165 1.28 -6.13 -7.59
CA ASP B 165 0.87 -5.10 -6.61
C ASP B 165 1.36 -5.39 -5.20
N VAL B 166 1.16 -6.63 -4.74
CA VAL B 166 1.49 -6.92 -3.36
C VAL B 166 2.98 -6.66 -3.09
N ALA B 167 3.80 -6.94 -4.10
CA ALA B 167 5.24 -6.74 -3.98
C ALA B 167 5.56 -5.25 -3.97
N ARG B 168 4.99 -4.52 -4.93
CA ARG B 168 5.09 -3.07 -4.95
C ARG B 168 4.62 -2.48 -3.63
N HIS B 169 3.57 -3.07 -3.09
CA HIS B 169 3.01 -2.64 -1.82
C HIS B 169 4.02 -2.87 -0.69
N VAL B 170 4.67 -4.03 -0.72
CA VAL B 170 5.60 -4.38 0.35
C VAL B 170 6.87 -3.53 0.28
N ARG B 171 7.33 -3.26 -0.94
CA ARG B 171 8.48 -2.39 -1.19
C ARG B 171 8.30 -1.04 -0.49
N SER B 172 7.13 -0.46 -0.64
CA SER B 172 6.87 0.84 -0.04
C SER B 172 6.76 0.71 1.47
N THR B 173 6.20 -0.40 1.92
CA THR B 173 6.08 -0.58 3.36
C THR B 173 7.46 -0.51 3.99
N ILE B 174 8.41 -1.21 3.38
CA ILE B 174 9.77 -1.31 3.90
C ILE B 174 10.50 0.02 3.85
N LEU B 175 10.42 0.69 2.71
CA LEU B 175 11.01 2.02 2.56
C LEU B 175 10.53 2.95 3.66
N LEU B 176 9.23 2.89 3.95
CA LEU B 176 8.62 3.76 4.93
C LEU B 176 9.00 3.33 6.36
N ALA B 177 9.00 2.04 6.61
CA ALA B 177 9.37 1.54 7.93
C ALA B 177 10.81 1.95 8.26
N ALA B 178 11.73 1.70 7.33
CA ALA B 178 13.15 2.01 7.56
C ALA B 178 13.44 3.49 7.72
N SER B 179 12.78 4.30 6.92
CA SER B 179 12.97 5.74 6.98
C SER B 179 12.39 6.30 8.27
N ALA B 180 11.28 5.73 8.73
CA ALA B 180 10.63 6.22 9.96
C ALA B 180 11.53 6.11 11.19
N PHE B 181 12.47 5.17 11.15
CA PHE B 181 13.41 5.02 12.24
C PHE B 181 14.85 5.28 11.83
N GLY B 182 15.02 5.95 10.70
CA GLY B 182 16.36 6.37 10.27
C GLY B 182 17.26 5.24 9.83
N ARG B 183 16.67 4.10 9.46
CA ARG B 183 17.45 2.96 9.00
C ARG B 183 17.76 3.08 7.50
N LEU B 184 18.89 2.53 7.08
CA LEU B 184 19.15 2.36 5.64
C LEU B 184 18.05 1.56 4.98
N ALA B 185 17.75 1.89 3.75
CA ALA B 185 16.80 1.14 2.97
C ALA B 185 17.47 0.55 1.71
N LEU B 186 17.21 -0.72 1.47
CA LEU B 186 17.84 -1.49 0.40
C LEU B 186 16.80 -2.06 -0.53
N ASP B 187 16.93 -1.78 -1.82
CA ASP B 187 16.00 -2.31 -2.79
C ASP B 187 16.30 -3.76 -3.09
N ALA B 188 15.28 -4.47 -3.56
CA ALA B 188 15.38 -5.89 -3.91
C ALA B 188 16.31 -6.17 -5.08
N VAL B 189 16.84 -7.38 -5.10
CA VAL B 189 17.71 -7.80 -6.19
C VAL B 189 16.96 -7.89 -7.51
N HIS B 190 17.70 -7.77 -8.61
CA HIS B 190 17.15 -7.95 -9.94
C HIS B 190 17.71 -9.25 -10.50
N LEU B 191 16.87 -10.29 -10.53
CA LEU B 191 17.29 -11.62 -10.89
C LEU B 191 17.65 -11.83 -12.36
N ASP B 192 17.05 -11.03 -13.23
CA ASP B 192 17.35 -11.15 -14.66
C ASP B 192 18.67 -10.44 -14.96
N ILE B 193 19.75 -11.20 -14.93
CA ILE B 193 21.11 -10.69 -15.08
C ILE B 193 21.32 -9.86 -16.34
N LEU B 194 20.71 -10.31 -17.44
CA LEU B 194 20.89 -9.66 -18.73
C LEU B 194 20.04 -8.40 -18.82
N ASP B 195 19.01 -8.34 -17.99
CA ASP B 195 18.02 -7.28 -18.12
C ASP B 195 18.53 -5.96 -17.58
N VAL B 196 19.63 -5.50 -18.15
CA VAL B 196 20.21 -4.21 -17.81
C VAL B 196 19.15 -3.11 -17.74
N GLU B 197 18.29 -3.03 -18.76
CA GLU B 197 17.37 -1.91 -18.88
C GLU B 197 16.40 -1.85 -17.70
N GLY B 198 15.86 -3.01 -17.31
CA GLY B 198 14.97 -3.07 -16.16
C GLY B 198 15.64 -2.73 -14.83
N LEU B 199 16.88 -3.18 -14.69
CA LEU B 199 17.69 -2.89 -13.53
C LEU B 199 17.89 -1.39 -13.45
N GLN B 200 18.29 -0.81 -14.58
CA GLN B 200 18.46 0.63 -14.67
C GLN B 200 17.18 1.36 -14.23
N GLU B 201 16.04 0.99 -14.80
CA GLU B 201 14.76 1.65 -14.47
C GLU B 201 14.36 1.49 -13.00
N GLU B 202 14.64 0.32 -12.42
CA GLU B 202 14.35 0.09 -11.00
C GLU B 202 15.28 0.90 -10.11
N ALA B 203 16.57 0.85 -10.40
CA ALA B 203 17.56 1.57 -9.62
C ALA B 203 17.32 3.08 -9.66
N ARG B 204 16.99 3.59 -10.84
CA ARG B 204 16.74 5.02 -11.02
C ARG B 204 15.58 5.43 -10.12
N ASP B 205 14.50 4.65 -10.14
CA ASP B 205 13.35 4.91 -9.28
C ASP B 205 13.67 4.70 -7.81
N ALA B 206 14.43 3.66 -7.48
CA ALA B 206 14.84 3.47 -6.10
C ALA B 206 15.59 4.71 -5.60
N ALA B 207 16.49 5.22 -6.43
CA ALA B 207 17.30 6.37 -6.05
C ALA B 207 16.43 7.64 -5.88
N ALA B 208 15.36 7.72 -6.66
CA ALA B 208 14.43 8.86 -6.60
C ALA B 208 13.57 8.88 -5.33
N VAL B 209 13.17 7.70 -4.86
CA VAL B 209 12.30 7.65 -3.68
C VAL B 209 13.04 7.57 -2.36
N GLY B 210 14.37 7.47 -2.40
CA GLY B 210 15.17 7.54 -1.19
C GLY B 210 15.81 6.25 -0.70
N PHE B 211 15.72 5.18 -1.49
CA PHE B 211 16.45 3.96 -1.17
C PHE B 211 17.92 4.32 -1.14
N ASP B 212 18.70 3.63 -0.32
CA ASP B 212 20.10 3.96 -0.18
C ASP B 212 20.98 3.05 -1.01
N VAL B 213 20.39 1.93 -1.40
CA VAL B 213 21.15 0.84 -1.98
C VAL B 213 20.24 0.03 -2.89
N THR B 214 20.82 -0.44 -3.98
CA THR B 214 20.25 -1.52 -4.76
C THR B 214 21.20 -2.69 -4.56
N VAL B 215 20.65 -3.82 -4.12
CA VAL B 215 21.49 -5.00 -3.96
C VAL B 215 21.60 -5.67 -5.31
N CYS B 216 22.81 -6.10 -5.66
CA CYS B 216 23.04 -6.75 -6.92
C CYS B 216 23.36 -8.22 -6.70
N ILE B 217 23.30 -9.01 -7.76
CA ILE B 217 23.62 -10.41 -7.64
C ILE B 217 24.65 -10.83 -8.67
N HIS B 218 25.13 -9.86 -9.45
CA HIS B 218 26.17 -10.11 -10.46
C HIS B 218 27.01 -8.85 -10.64
N PRO B 219 28.33 -9.03 -10.73
CA PRO B 219 29.20 -7.85 -10.74
C PRO B 219 28.89 -6.92 -11.90
N SER B 220 28.31 -7.44 -12.97
CA SER B 220 28.04 -6.60 -14.12
C SER B 220 26.90 -5.62 -13.83
N GLN B 221 26.23 -5.80 -12.71
CA GLN B 221 25.12 -4.93 -12.34
C GLN B 221 25.58 -3.65 -11.64
N ILE B 222 26.71 -3.73 -10.95
CA ILE B 222 27.15 -2.60 -10.12
C ILE B 222 27.28 -1.28 -10.89
N PRO B 223 27.99 -1.28 -12.04
CA PRO B 223 28.08 -0.04 -12.81
C PRO B 223 26.72 0.55 -13.22
N VAL B 224 25.72 -0.31 -13.46
CA VAL B 224 24.36 0.16 -13.79
C VAL B 224 23.78 0.91 -12.60
N VAL B 225 23.88 0.28 -11.44
CA VAL B 225 23.32 0.82 -10.21
C VAL B 225 23.98 2.15 -9.84
N ARG B 226 25.31 2.16 -9.83
CA ARG B 226 26.04 3.38 -9.52
C ARG B 226 25.59 4.48 -10.46
N LYS B 227 25.51 4.14 -11.74
CA LYS B 227 25.05 5.07 -12.75
C LYS B 227 23.64 5.54 -12.41
N ALA B 228 22.77 4.60 -12.11
CA ALA B 228 21.38 4.93 -11.87
C ALA B 228 21.27 5.94 -10.74
N TYR B 229 22.11 5.79 -9.74
CA TYR B 229 22.01 6.65 -8.55
C TYR B 229 22.59 8.04 -8.80
N ARG B 230 23.26 8.23 -9.94
CA ARG B 230 23.70 9.56 -10.32
C ARG B 230 22.63 10.23 -11.18
N PRO B 231 22.02 11.29 -10.67
CA PRO B 231 20.94 11.95 -11.41
C PRO B 231 21.33 12.34 -12.83
N SER B 232 20.38 12.27 -13.75
CA SER B 232 20.63 12.61 -15.15
C SER B 232 21.02 14.08 -15.32
N HIS B 233 21.88 14.33 -16.29
CA HIS B 233 22.35 15.67 -16.61
C HIS B 233 21.21 16.71 -16.58
N GLU B 234 20.03 16.30 -17.03
CA GLU B 234 18.90 17.22 -17.14
C GLU B 234 18.28 17.54 -15.77
N LYS B 235 18.18 16.54 -14.90
CA LYS B 235 17.77 16.77 -13.52
C LYS B 235 18.78 17.68 -12.80
N LEU B 236 20.07 17.40 -12.97
CA LEU B 236 21.11 18.21 -12.34
C LEU B 236 21.06 19.68 -12.75
N ALA B 237 20.96 19.96 -14.05
CA ALA B 237 20.85 21.34 -14.49
C ALA B 237 19.62 22.00 -13.86
N TRP B 238 18.54 21.23 -13.72
CA TRP B 238 17.32 21.73 -13.05
C TRP B 238 17.61 22.10 -11.60
N ALA B 239 18.14 21.15 -10.83
CA ALA B 239 18.55 21.42 -9.47
C ALA B 239 19.42 22.69 -9.35
N ARG B 240 20.44 22.80 -10.20
CA ARG B 240 21.29 23.99 -10.22
C ARG B 240 20.45 25.23 -10.44
N ARG B 241 19.61 25.16 -11.46
CA ARG B 241 18.82 26.31 -11.83
C ARG B 241 17.93 26.75 -10.68
N VAL B 242 17.22 25.79 -10.08
CA VAL B 242 16.22 26.09 -9.06
C VAL B 242 16.85 26.59 -7.76
N LEU B 243 17.94 25.97 -7.34
CA LEU B 243 18.65 26.44 -6.15
C LEU B 243 19.17 27.87 -6.36
N ALA B 244 19.66 28.16 -7.56
CA ALA B 244 20.18 29.50 -7.85
C ALA B 244 19.08 30.55 -7.78
N ALA B 245 17.96 30.28 -8.45
CA ALA B 245 16.83 31.18 -8.40
C ALA B 245 16.36 31.37 -6.95
N SER B 246 16.39 30.29 -6.16
CA SER B 246 15.87 30.33 -4.79
C SER B 246 16.66 31.27 -3.87
N ARG B 247 17.90 31.53 -4.25
CA ARG B 247 18.77 32.37 -3.44
C ARG B 247 18.41 33.84 -3.56
N SER B 248 17.49 34.15 -4.47
CA SER B 248 16.96 35.50 -4.66
C SER B 248 15.50 35.61 -4.20
N GLU B 249 14.95 34.50 -3.72
CA GLU B 249 13.52 34.41 -3.38
C GLU B 249 13.29 34.27 -1.87
N ARG B 250 12.07 34.57 -1.45
CA ARG B 250 11.68 34.41 -0.06
C ARG B 250 10.37 33.60 0.06
N GLY B 251 10.49 32.34 0.49
CA GLY B 251 9.34 31.46 0.63
C GLY B 251 8.94 30.90 -0.72
N ALA B 252 7.66 30.51 -0.86
CA ALA B 252 7.17 29.87 -2.08
C ALA B 252 7.28 30.81 -3.27
N PHE B 253 7.82 30.30 -4.37
CA PHE B 253 7.91 31.05 -5.61
C PHE B 253 7.62 30.13 -6.81
N ALA B 254 7.09 30.71 -7.88
CA ALA B 254 6.92 29.98 -9.13
C ALA B 254 8.24 29.91 -9.92
N PHE B 255 8.58 28.72 -10.39
CA PHE B 255 9.80 28.52 -11.18
C PHE B 255 9.52 27.55 -12.31
N GLU B 256 9.63 28.03 -13.55
CA GLU B 256 9.45 27.17 -14.72
C GLU B 256 8.08 26.48 -14.65
N GLY B 257 7.07 27.23 -14.21
CA GLY B 257 5.70 26.77 -14.15
C GLY B 257 5.30 26.00 -12.91
N GLN B 258 6.27 25.64 -12.08
CA GLN B 258 5.97 24.86 -10.89
C GLN B 258 6.02 25.72 -9.63
N MET B 259 5.28 25.34 -8.60
CA MET B 259 5.46 26.00 -7.32
C MET B 259 6.66 25.39 -6.62
N VAL B 260 7.53 26.25 -6.11
CA VAL B 260 8.72 25.78 -5.41
C VAL B 260 8.77 26.33 -3.98
N ASP B 261 8.95 25.45 -3.01
CA ASP B 261 9.36 25.86 -1.67
C ASP B 261 10.28 24.79 -1.08
N SER B 262 10.44 24.83 0.23
CA SER B 262 11.43 24.00 0.94
C SER B 262 11.69 22.59 0.42
N PRO B 263 10.68 21.68 0.45
CA PRO B 263 10.98 20.29 0.08
C PRO B 263 11.35 20.06 -1.41
N VAL B 264 10.89 20.91 -2.31
CA VAL B 264 11.34 20.84 -3.70
C VAL B 264 12.83 21.24 -3.72
N LEU B 265 13.15 22.31 -3.01
CA LEU B 265 14.53 22.76 -2.89
C LEU B 265 15.38 21.66 -2.25
N THR B 266 14.80 20.90 -1.33
CA THR B 266 15.54 19.81 -0.73
C THR B 266 15.80 18.69 -1.74
N HIS B 267 14.83 18.38 -2.60
CA HIS B 267 15.06 17.37 -3.66
C HIS B 267 16.25 17.77 -4.55
N ALA B 268 16.29 19.05 -4.92
CA ALA B 268 17.41 19.59 -5.70
C ALA B 268 18.76 19.40 -5.02
N GLU B 269 18.83 19.68 -3.73
CA GLU B 269 20.06 19.52 -2.96
C GLU B 269 20.50 18.06 -2.96
N THR B 270 19.52 17.18 -2.82
CA THR B 270 19.79 15.75 -2.80
C THR B 270 20.27 15.28 -4.16
N MET B 271 19.74 15.86 -5.23
CA MET B 271 20.24 15.51 -6.55
C MET B 271 21.73 15.88 -6.65
N LEU B 272 22.05 17.09 -6.21
CA LEU B 272 23.42 17.58 -6.32
C LEU B 272 24.34 16.87 -5.34
N ARG B 273 23.82 16.47 -4.19
CA ARG B 273 24.58 15.63 -3.28
C ARG B 273 24.91 14.27 -3.91
N ARG B 274 23.93 13.63 -4.53
CA ARG B 274 24.19 12.34 -5.16
C ARG B 274 25.20 12.45 -6.30
N ALA B 275 25.16 13.56 -7.02
CA ALA B 275 26.17 13.83 -8.05
C ALA B 275 27.59 13.97 -7.48
N GLY B 276 27.74 14.76 -6.42
CA GLY B 276 29.04 14.92 -5.77
C GLY B 276 29.54 13.65 -5.13
N GLU B 277 28.61 12.82 -4.65
CA GLU B 277 28.95 11.54 -4.05
C GLU B 277 29.27 10.50 -5.13
N LEU C 11 -16.71 22.72 8.23
CA LEU C 11 -15.74 22.45 7.16
C LEU C 11 -16.23 21.38 6.22
N ARG C 12 -17.03 20.45 6.74
CA ARG C 12 -17.61 19.42 5.90
C ARG C 12 -18.60 20.06 4.93
N ALA C 13 -18.97 21.30 5.19
CA ALA C 13 -20.02 21.98 4.44
C ALA C 13 -19.52 22.84 3.29
N ALA C 14 -18.20 22.92 3.15
CA ALA C 14 -17.63 23.76 2.10
C ALA C 14 -17.31 22.92 0.87
N GLY C 15 -17.28 23.55 -0.29
CA GLY C 15 -16.89 22.91 -1.52
C GLY C 15 -15.52 22.23 -1.43
N PRO C 16 -15.12 21.54 -2.50
CA PRO C 16 -13.87 20.76 -2.44
C PRO C 16 -12.64 21.62 -2.72
N GLY C 17 -12.85 22.90 -3.04
CA GLY C 17 -11.78 23.75 -3.53
C GLY C 17 -11.11 24.55 -2.44
N TRP C 18 -10.07 23.98 -1.84
CA TRP C 18 -9.29 24.66 -0.82
C TRP C 18 -8.02 25.26 -1.41
N LEU C 19 -7.61 26.41 -0.88
CA LEU C 19 -6.51 27.13 -1.46
C LEU C 19 -5.55 27.63 -0.42
N PHE C 20 -4.29 27.25 -0.56
CA PHE C 20 -3.22 27.82 0.23
C PHE C 20 -2.94 29.25 -0.19
N CYS C 21 -2.57 30.08 0.77
CA CYS C 21 -2.00 31.38 0.48
C CYS C 21 -1.03 31.67 1.63
N PRO C 22 0.23 32.01 1.30
CA PRO C 22 1.21 32.30 2.34
C PRO C 22 0.73 33.46 3.23
N ALA C 23 0.92 33.35 4.54
CA ALA C 23 0.43 34.36 5.48
C ALA C 23 1.17 35.70 5.37
N ASP C 24 2.26 35.75 4.61
CA ASP C 24 3.00 36.99 4.50
C ASP C 24 2.56 37.78 3.29
N ARG C 25 1.51 37.33 2.62
CA ARG C 25 0.93 38.05 1.50
C ARG C 25 -0.51 38.48 1.78
N PRO C 26 -0.72 39.32 2.80
CA PRO C 26 -2.07 39.69 3.24
C PRO C 26 -2.86 40.33 2.11
N GLU C 27 -2.16 40.85 1.11
CA GLU C 27 -2.77 41.52 -0.03
C GLU C 27 -3.50 40.54 -0.94
N ARG C 28 -3.22 39.25 -0.80
CA ARG C 28 -3.92 38.23 -1.57
C ARG C 28 -5.00 37.50 -0.76
N PHE C 29 -5.16 37.86 0.50
CA PHE C 29 -6.08 37.10 1.37
C PHE C 29 -7.52 37.15 0.89
N ALA C 30 -8.00 38.35 0.58
CA ALA C 30 -9.39 38.54 0.15
C ALA C 30 -9.63 37.89 -1.21
N LYS C 31 -8.65 37.99 -2.11
CA LYS C 31 -8.72 37.31 -3.41
C LYS C 31 -8.87 35.80 -3.19
N ALA C 32 -8.06 35.25 -2.30
CA ALA C 32 -8.13 33.82 -2.00
C ALA C 32 -9.50 33.44 -1.44
N ALA C 33 -9.93 34.15 -0.39
CA ALA C 33 -11.25 33.93 0.18
C ALA C 33 -12.32 33.99 -0.91
N ALA C 34 -12.20 34.96 -1.81
CA ALA C 34 -13.17 35.11 -2.90
C ALA C 34 -13.20 33.90 -3.82
N ALA C 35 -12.03 33.42 -4.21
CA ALA C 35 -11.94 32.38 -5.21
C ALA C 35 -12.11 30.97 -4.66
N ALA C 36 -11.78 30.74 -3.38
CA ALA C 36 -11.77 29.39 -2.81
C ALA C 36 -12.98 29.03 -1.95
N ASP C 37 -13.18 27.73 -1.72
CA ASP C 37 -14.18 27.30 -0.73
C ASP C 37 -13.66 27.49 0.69
N VAL C 38 -12.40 27.15 0.89
CA VAL C 38 -11.71 27.34 2.16
C VAL C 38 -10.30 27.83 1.88
N VAL C 39 -9.83 28.80 2.66
CA VAL C 39 -8.47 29.30 2.51
C VAL C 39 -7.59 28.76 3.63
N ILE C 40 -6.44 28.19 3.25
CA ILE C 40 -5.44 27.82 4.23
C ILE C 40 -4.35 28.88 4.23
N LEU C 41 -4.37 29.72 5.26
CA LEU C 41 -3.30 30.70 5.49
C LEU C 41 -2.04 30.00 6.01
N ASP C 42 -0.92 30.15 5.31
CA ASP C 42 0.25 29.34 5.62
C ASP C 42 1.33 30.10 6.41
N LEU C 43 1.67 29.59 7.60
CA LEU C 43 2.79 30.11 8.39
C LEU C 43 4.07 29.29 8.20
N GLU C 44 3.93 28.07 7.66
CA GLU C 44 5.09 27.19 7.49
C GLU C 44 5.83 27.34 6.14
N ASP C 45 5.94 26.26 5.35
CA ASP C 45 6.92 26.24 4.26
C ASP C 45 6.77 27.37 3.22
N GLY C 46 5.54 27.79 2.97
CA GLY C 46 5.27 28.88 2.04
C GLY C 46 5.96 30.19 2.39
N VAL C 47 6.38 30.32 3.65
CA VAL C 47 6.98 31.55 4.19
C VAL C 47 8.39 31.35 4.75
N ALA C 48 9.36 32.11 4.26
CA ALA C 48 10.74 32.01 4.77
C ALA C 48 10.79 32.35 6.25
N GLU C 49 11.76 31.76 6.96
CA GLU C 49 11.91 32.02 8.38
C GLU C 49 11.96 33.50 8.71
N ALA C 50 12.63 34.29 7.86
CA ALA C 50 12.81 35.71 8.13
C ALA C 50 11.50 36.49 7.98
N GLN C 51 10.53 35.87 7.31
CA GLN C 51 9.26 36.53 7.02
C GLN C 51 8.12 36.00 7.89
N LYS C 52 8.40 35.00 8.71
CA LYS C 52 7.36 34.44 9.58
C LYS C 52 6.77 35.48 10.54
N PRO C 53 7.64 36.24 11.23
CA PRO C 53 7.03 37.18 12.18
C PRO C 53 6.10 38.19 11.50
N ALA C 54 6.46 38.64 10.30
CA ALA C 54 5.58 39.51 9.56
C ALA C 54 4.31 38.76 9.12
N ALA C 55 4.46 37.49 8.78
CA ALA C 55 3.32 36.65 8.44
C ALA C 55 2.33 36.60 9.59
N ARG C 56 2.86 36.33 10.79
CA ARG C 56 2.05 36.30 12.00
C ARG C 56 1.34 37.61 12.20
N ASN C 57 2.03 38.72 11.94
CA ASN C 57 1.37 40.01 12.01
C ASN C 57 0.19 40.11 11.04
N ALA C 58 0.36 39.58 9.84
CA ALA C 58 -0.70 39.62 8.84
C ALA C 58 -1.98 38.90 9.29
N LEU C 59 -1.81 37.77 9.96
CA LEU C 59 -2.95 36.98 10.43
C LEU C 59 -3.83 37.76 11.40
N ARG C 60 -3.20 38.48 12.31
CA ARG C 60 -3.93 39.24 13.30
C ARG C 60 -4.55 40.50 12.70
N ASP C 61 -3.92 41.03 11.64
CA ASP C 61 -4.31 42.31 11.07
C ASP C 61 -5.29 42.22 9.91
N THR C 62 -5.39 41.05 9.28
CA THR C 62 -6.26 40.87 8.11
C THR C 62 -7.10 39.61 8.23
N PRO C 63 -8.14 39.68 9.07
CA PRO C 63 -8.99 38.51 9.34
C PRO C 63 -9.73 38.00 8.11
N LEU C 64 -9.93 36.69 8.02
CA LEU C 64 -10.85 36.12 7.05
C LEU C 64 -11.93 35.42 7.84
N ASP C 65 -13.06 35.10 7.20
CA ASP C 65 -14.11 34.41 7.92
C ASP C 65 -13.56 33.13 8.55
N PRO C 66 -13.43 33.12 9.89
CA PRO C 66 -12.82 31.96 10.54
C PRO C 66 -13.58 30.66 10.27
N GLU C 67 -14.80 30.77 9.74
CA GLU C 67 -15.60 29.58 9.43
C GLU C 67 -15.20 28.94 8.09
N ARG C 68 -14.48 29.69 7.26
CA ARG C 68 -14.02 29.21 5.96
C ARG C 68 -12.49 29.33 5.85
N THR C 69 -11.81 29.35 7.00
CA THR C 69 -10.38 29.64 7.00
C THR C 69 -9.60 28.78 8.00
N VAL C 70 -8.57 28.11 7.50
CA VAL C 70 -7.72 27.26 8.31
C VAL C 70 -6.32 27.83 8.30
N VAL C 71 -5.57 27.65 9.38
CA VAL C 71 -4.21 28.17 9.42
C VAL C 71 -3.21 27.04 9.59
N ARG C 72 -2.30 26.93 8.64
CA ARG C 72 -1.22 25.96 8.80
C ARG C 72 -0.10 26.57 9.63
N ILE C 73 0.06 26.03 10.83
CA ILE C 73 1.11 26.43 11.73
C ILE C 73 2.36 25.62 11.42
N ASN C 74 3.41 25.82 12.21
CA ASN C 74 4.64 25.06 12.07
C ASN C 74 4.61 23.72 12.82
N ALA C 75 5.63 22.91 12.60
CA ALA C 75 5.67 21.56 13.12
C ALA C 75 5.79 21.51 14.64
N GLY C 76 5.35 20.40 15.23
CA GLY C 76 5.44 20.21 16.66
C GLY C 76 6.88 20.27 17.15
N GLY C 77 7.08 20.78 18.36
CA GLY C 77 8.40 20.86 18.96
C GLY C 77 9.24 22.04 18.48
N THR C 78 8.78 22.77 17.46
CA THR C 78 9.54 23.94 17.00
C THR C 78 9.19 25.22 17.74
N ALA C 79 10.18 26.10 17.89
CA ALA C 79 9.94 27.46 18.40
C ALA C 79 8.99 28.23 17.51
N ASP C 80 9.02 27.98 16.20
CA ASP C 80 8.07 28.63 15.30
C ASP C 80 6.62 28.29 15.65
N GLN C 81 6.37 27.03 15.96
CA GLN C 81 5.00 26.66 16.32
C GLN C 81 4.54 27.38 17.59
N ALA C 82 5.44 27.52 18.56
CA ALA C 82 5.10 28.22 19.80
C ALA C 82 4.72 29.67 19.50
N ARG C 83 5.46 30.31 18.61
CA ARG C 83 5.13 31.69 18.25
C ARG C 83 3.87 31.79 17.37
N ASP C 84 3.58 30.75 16.58
CA ASP C 84 2.33 30.71 15.83
C ASP C 84 1.12 30.67 16.76
N LEU C 85 1.19 29.83 17.79
CA LEU C 85 0.07 29.66 18.70
C LEU C 85 -0.21 30.95 19.50
N GLU C 86 0.84 31.68 19.87
CA GLU C 86 0.62 32.92 20.59
C GLU C 86 0.16 34.03 19.66
N ALA C 87 0.61 33.98 18.40
CA ALA C 87 0.07 34.90 17.41
C ALA C 87 -1.40 34.59 17.22
N LEU C 88 -1.70 33.29 17.22
CA LEU C 88 -3.07 32.84 16.98
C LEU C 88 -4.00 33.16 18.14
N ALA C 89 -3.42 33.41 19.32
CA ALA C 89 -4.20 33.83 20.47
C ALA C 89 -4.93 35.15 20.18
N GLY C 90 -4.45 35.90 19.20
CA GLY C 90 -5.08 37.16 18.83
C GLY C 90 -6.03 37.11 17.65
N THR C 91 -6.58 35.92 17.37
CA THR C 91 -7.45 35.73 16.21
C THR C 91 -8.70 34.93 16.56
N ALA C 92 -9.62 34.79 15.62
CA ALA C 92 -10.78 33.95 15.86
C ALA C 92 -10.62 32.56 15.24
N TYR C 93 -9.41 32.25 14.77
CA TYR C 93 -9.20 31.01 14.02
C TYR C 93 -9.10 29.81 14.96
N THR C 94 -9.97 28.82 14.75
CA THR C 94 -10.06 27.68 15.67
C THR C 94 -9.69 26.37 14.99
N THR C 95 -9.37 26.43 13.70
CA THR C 95 -8.97 25.23 12.98
C THR C 95 -7.57 25.41 12.45
N VAL C 96 -6.69 24.47 12.76
CA VAL C 96 -5.32 24.55 12.29
C VAL C 96 -4.89 23.29 11.53
N MET C 97 -3.94 23.47 10.62
CA MET C 97 -3.31 22.34 9.93
C MET C 97 -1.92 22.13 10.49
N LEU C 98 -1.61 20.87 10.80
CA LEU C 98 -0.36 20.54 11.46
C LEU C 98 0.58 19.84 10.48
N PRO C 99 1.64 20.54 10.06
CA PRO C 99 2.55 19.90 9.10
C PRO C 99 3.43 18.86 9.79
N LYS C 100 4.02 17.96 9.01
CA LYS C 100 4.88 16.91 9.56
C LYS C 100 4.24 16.19 10.74
N ALA C 101 2.92 15.98 10.65
CA ALA C 101 2.21 15.32 11.73
C ALA C 101 2.76 13.90 11.92
N GLU C 102 3.35 13.64 13.08
CA GLU C 102 4.06 12.38 13.23
C GLU C 102 3.58 11.52 14.40
N SER C 103 2.72 12.09 15.25
CA SER C 103 2.15 11.33 16.37
C SER C 103 0.80 11.87 16.83
N ALA C 104 0.06 11.03 17.53
CA ALA C 104 -1.18 11.45 18.15
C ALA C 104 -0.93 12.60 19.13
N ALA C 105 0.19 12.54 19.85
CA ALA C 105 0.52 13.57 20.85
C ALA C 105 0.66 14.98 20.26
N GLN C 106 1.23 15.08 19.05
CA GLN C 106 1.37 16.36 18.37
C GLN C 106 0.03 17.02 18.05
N VAL C 107 -0.98 16.20 17.77
CA VAL C 107 -2.31 16.69 17.51
C VAL C 107 -2.98 17.06 18.82
N ILE C 108 -2.95 16.13 19.76
CA ILE C 108 -3.63 16.31 21.04
C ILE C 108 -3.13 17.56 21.73
N GLU C 109 -1.86 17.89 21.55
CA GLU C 109 -1.32 19.05 22.25
C GLU C 109 -1.90 20.36 21.72
N LEU C 110 -2.52 20.31 20.54
CA LEU C 110 -3.11 21.53 19.99
C LEU C 110 -4.53 21.80 20.51
N ALA C 111 -5.07 20.89 21.31
CA ALA C 111 -6.39 21.11 21.89
C ALA C 111 -6.33 22.46 22.57
N PRO C 112 -7.45 23.21 22.53
CA PRO C 112 -8.75 22.74 22.04
C PRO C 112 -9.06 23.04 20.57
N ARG C 113 -8.07 23.37 19.75
CA ARG C 113 -8.35 23.62 18.34
C ARG C 113 -8.69 22.34 17.59
N ASP C 114 -9.42 22.50 16.48
CA ASP C 114 -9.61 21.42 15.52
C ASP C 114 -8.35 21.33 14.68
N VAL C 115 -7.97 20.11 14.30
CA VAL C 115 -6.71 19.92 13.62
C VAL C 115 -6.86 19.11 12.36
N ILE C 116 -6.30 19.63 11.27
CA ILE C 116 -6.08 18.79 10.10
C ILE C 116 -4.63 18.35 10.11
N ALA C 117 -4.43 17.04 10.18
CA ALA C 117 -3.08 16.51 10.20
C ALA C 117 -2.57 16.39 8.78
N LEU C 118 -1.44 17.03 8.50
CA LEU C 118 -0.75 16.84 7.24
C LEU C 118 0.37 15.82 7.47
N VAL C 119 0.15 14.60 7.00
CA VAL C 119 1.13 13.53 7.12
C VAL C 119 2.02 13.56 5.90
N GLU C 120 3.30 13.82 6.11
CA GLU C 120 4.17 14.06 5.00
C GLU C 120 5.56 13.60 5.37
N THR C 121 5.61 12.61 6.27
CA THR C 121 6.86 11.97 6.65
C THR C 121 6.63 10.47 6.77
N ALA C 122 7.69 9.70 6.66
CA ALA C 122 7.58 8.26 6.84
C ALA C 122 6.96 7.94 8.20
N ARG C 123 7.39 8.65 9.24
CA ARG C 123 6.89 8.36 10.59
C ARG C 123 5.40 8.63 10.63
N GLY C 124 5.01 9.78 10.11
CA GLY C 124 3.60 10.11 9.96
C GLY C 124 2.82 8.97 9.30
N ALA C 125 3.31 8.52 8.16
CA ALA C 125 2.66 7.42 7.44
C ALA C 125 2.56 6.14 8.27
N VAL C 126 3.64 5.77 8.93
CA VAL C 126 3.60 4.63 9.85
C VAL C 126 2.55 4.80 10.97
N CYS C 127 2.33 6.05 11.40
CA CYS C 127 1.42 6.32 12.50
C CYS C 127 0.06 6.89 12.08
N ALA C 128 -0.28 6.81 10.79
CA ALA C 128 -1.45 7.54 10.30
C ALA C 128 -2.74 7.24 11.08
N ALA C 129 -2.97 5.97 11.37
CA ALA C 129 -4.22 5.59 12.02
C ALA C 129 -4.30 6.22 13.39
N GLU C 130 -3.17 6.29 14.08
CA GLU C 130 -3.13 6.83 15.44
C GLU C 130 -3.36 8.33 15.41
N ILE C 131 -2.85 8.97 14.37
CA ILE C 131 -3.02 10.39 14.19
C ILE C 131 -4.49 10.71 13.91
N ALA C 132 -5.12 9.87 13.08
CA ALA C 132 -6.50 10.08 12.66
C ALA C 132 -7.51 9.88 13.79
N ALA C 133 -7.21 8.94 14.68
CA ALA C 133 -8.00 8.66 15.89
C ALA C 133 -7.90 9.72 16.98
N ALA C 134 -6.80 10.46 17.03
CA ALA C 134 -6.65 11.56 17.99
C ALA C 134 -7.90 12.44 18.05
N ASP C 135 -8.27 12.84 19.27
CA ASP C 135 -9.51 13.58 19.50
C ASP C 135 -9.72 14.89 18.72
N PRO C 136 -8.68 15.75 18.61
CA PRO C 136 -8.87 17.02 17.90
C PRO C 136 -8.84 16.89 16.38
N THR C 137 -8.42 15.74 15.86
CA THR C 137 -8.31 15.58 14.41
C THR C 137 -9.69 15.68 13.74
N VAL C 138 -9.83 16.56 12.76
CA VAL C 138 -11.05 16.62 11.96
C VAL C 138 -10.79 16.33 10.47
N GLY C 139 -9.51 16.26 10.10
CA GLY C 139 -9.13 15.95 8.73
C GLY C 139 -7.71 15.43 8.69
N MET C 140 -7.39 14.75 7.59
CA MET C 140 -6.01 14.32 7.28
C MET C 140 -5.71 14.70 5.84
N MET C 141 -4.49 15.17 5.60
CA MET C 141 -4.02 15.52 4.27
C MET C 141 -2.69 14.79 4.12
N TRP C 142 -2.23 14.56 2.90
CA TRP C 142 -0.90 14.00 2.72
C TRP C 142 -0.08 14.94 1.86
N GLY C 143 1.24 14.86 1.99
CA GLY C 143 2.14 15.71 1.24
C GLY C 143 3.19 14.84 0.60
N ALA C 144 3.26 14.84 -0.73
CA ALA C 144 4.19 13.96 -1.43
C ALA C 144 5.62 14.49 -1.39
N GLU C 145 5.77 15.82 -1.39
CA GLU C 145 7.08 16.44 -1.52
C GLU C 145 7.94 16.38 -0.24
N ASP C 146 7.38 16.75 0.92
CA ASP C 146 8.10 16.54 2.17
C ASP C 146 8.34 15.02 2.34
N LEU C 147 7.34 14.23 1.99
CA LEU C 147 7.49 12.79 2.07
C LEU C 147 8.79 12.37 1.39
N ILE C 148 8.90 12.62 0.08
CA ILE C 148 10.10 12.24 -0.65
C ILE C 148 11.37 12.87 -0.05
N ALA C 149 11.28 14.15 0.28
CA ALA C 149 12.41 14.85 0.91
C ALA C 149 12.87 14.13 2.18
N THR C 150 11.92 13.69 2.99
CA THR C 150 12.29 13.08 4.27
C THR C 150 12.75 11.63 4.08
N LEU C 151 12.42 11.04 2.93
CA LEU C 151 12.88 9.69 2.62
C LEU C 151 14.34 9.73 2.15
N GLY C 152 14.81 10.92 1.83
CA GLY C 152 16.12 11.09 1.21
C GLY C 152 16.02 11.00 -0.31
N GLY C 153 14.81 11.18 -0.84
CA GLY C 153 14.51 11.01 -2.25
C GLY C 153 14.73 12.29 -3.04
N SER C 154 14.44 12.27 -4.35
CA SER C 154 14.68 13.42 -5.20
C SER C 154 13.54 13.76 -6.17
N SER C 155 12.63 12.83 -6.40
CA SER C 155 11.43 13.16 -7.18
C SER C 155 10.21 12.34 -6.79
N SER C 156 9.08 13.01 -6.62
CA SER C 156 7.86 12.33 -6.23
C SER C 156 7.11 11.73 -7.41
N ARG C 157 7.44 12.16 -8.63
CA ARG C 157 6.71 11.69 -9.82
C ARG C 157 7.61 11.09 -10.91
N ARG C 158 7.11 10.05 -11.59
CA ARG C 158 7.81 9.50 -12.75
C ARG C 158 7.91 10.48 -13.92
N ALA C 159 8.70 10.08 -14.91
CA ALA C 159 8.81 10.82 -16.16
C ALA C 159 7.42 11.20 -16.68
N ASP C 160 6.52 10.21 -16.71
CA ASP C 160 5.19 10.38 -17.28
C ASP C 160 4.19 11.13 -16.39
N GLY C 161 4.64 11.63 -15.24
CA GLY C 161 3.78 12.42 -14.36
C GLY C 161 3.10 11.68 -13.22
N ALA C 162 3.04 10.36 -13.29
CA ALA C 162 2.42 9.60 -12.20
C ALA C 162 3.25 9.72 -10.93
N TYR C 163 2.57 9.75 -9.80
CA TYR C 163 3.27 9.66 -8.53
C TYR C 163 4.05 8.35 -8.48
N ARG C 164 5.24 8.38 -7.89
CA ARG C 164 6.00 7.15 -7.64
C ARG C 164 5.26 6.28 -6.62
N ASP C 165 5.57 4.98 -6.57
CA ASP C 165 4.77 4.03 -5.77
C ASP C 165 4.57 4.42 -4.30
N VAL C 166 5.64 4.86 -3.65
CA VAL C 166 5.56 5.17 -2.22
C VAL C 166 4.60 6.34 -1.95
N ALA C 167 4.55 7.32 -2.84
CA ALA C 167 3.58 8.41 -2.67
C ALA C 167 2.15 7.89 -2.86
N ARG C 168 1.97 7.05 -3.86
CA ARG C 168 0.66 6.46 -4.10
C ARG C 168 0.23 5.67 -2.88
N HIS C 169 1.20 5.01 -2.27
CA HIS C 169 0.99 4.18 -1.09
C HIS C 169 0.49 5.01 0.11
N VAL C 170 1.09 6.16 0.32
CA VAL C 170 0.79 7.00 1.47
C VAL C 170 -0.56 7.69 1.28
N ARG C 171 -0.82 8.10 0.05
CA ARG C 171 -2.13 8.66 -0.32
C ARG C 171 -3.25 7.74 0.13
N SER C 172 -3.20 6.50 -0.29
CA SER C 172 -4.15 5.50 0.15
C SER C 172 -4.12 5.28 1.68
N THR C 173 -2.94 5.26 2.27
CA THR C 173 -2.86 5.09 3.73
C THR C 173 -3.68 6.19 4.41
N ILE C 174 -3.43 7.42 4.01
CA ILE C 174 -4.10 8.56 4.63
C ILE C 174 -5.60 8.57 4.34
N LEU C 175 -5.99 8.23 3.12
CA LEU C 175 -7.41 8.17 2.79
C LEU C 175 -8.15 7.18 3.70
N LEU C 176 -7.56 6.01 3.89
CA LEU C 176 -8.11 5.00 4.77
C LEU C 176 -8.06 5.43 6.24
N ALA C 177 -6.93 5.99 6.69
CA ALA C 177 -6.84 6.40 8.09
C ALA C 177 -7.94 7.42 8.42
N ALA C 178 -8.13 8.38 7.53
CA ALA C 178 -9.13 9.44 7.72
C ALA C 178 -10.55 8.89 7.77
N SER C 179 -10.90 8.07 6.77
CA SER C 179 -12.25 7.52 6.67
C SER C 179 -12.56 6.57 7.84
N ALA C 180 -11.55 5.87 8.32
CA ALA C 180 -11.72 4.90 9.40
C ALA C 180 -12.15 5.57 10.71
N PHE C 181 -11.90 6.87 10.83
CA PHE C 181 -12.25 7.62 12.03
C PHE C 181 -13.13 8.81 11.73
N GLY C 182 -13.68 8.81 10.52
CA GLY C 182 -14.66 9.79 10.12
C GLY C 182 -14.10 11.18 9.93
N ARG C 183 -12.82 11.28 9.57
CA ARG C 183 -12.22 12.59 9.35
C ARG C 183 -12.34 12.97 7.87
N LEU C 184 -12.29 14.27 7.61
CA LEU C 184 -12.14 14.76 6.25
C LEU C 184 -10.85 14.22 5.65
N ALA C 185 -10.88 13.92 4.35
CA ALA C 185 -9.68 13.50 3.64
C ALA C 185 -9.33 14.53 2.56
N LEU C 186 -8.10 15.04 2.62
CA LEU C 186 -7.63 16.06 1.69
C LEU C 186 -6.53 15.56 0.78
N ASP C 187 -6.72 15.70 -0.52
CA ASP C 187 -5.74 15.22 -1.49
C ASP C 187 -4.67 16.29 -1.71
N ALA C 188 -3.45 15.83 -1.97
CA ALA C 188 -2.27 16.68 -2.11
C ALA C 188 -2.34 17.73 -3.22
N VAL C 189 -1.53 18.77 -3.05
CA VAL C 189 -1.40 19.86 -4.02
C VAL C 189 -0.78 19.42 -5.33
N HIS C 190 -1.17 20.13 -6.39
CA HIS C 190 -0.62 19.90 -7.72
C HIS C 190 0.29 21.09 -8.04
N LEU C 191 1.58 20.83 -8.09
CA LEU C 191 2.56 21.91 -8.07
C LEU C 191 2.75 22.53 -9.43
N ASP C 192 2.40 21.77 -10.46
CA ASP C 192 2.48 22.27 -11.83
C ASP C 192 1.25 23.11 -12.14
N ILE C 193 1.39 24.42 -12.01
CA ILE C 193 0.22 25.31 -12.03
C ILE C 193 -0.47 25.34 -13.40
N LEU C 194 0.33 25.24 -14.46
CA LEU C 194 -0.21 25.29 -15.81
C LEU C 194 -0.66 23.91 -16.29
N ASP C 195 -0.40 22.88 -15.48
CA ASP C 195 -0.81 21.54 -15.84
C ASP C 195 -2.25 21.24 -15.42
N VAL C 196 -3.18 21.96 -16.03
CA VAL C 196 -4.60 21.80 -15.76
C VAL C 196 -5.05 20.35 -15.99
N GLU C 197 -4.50 19.71 -17.02
CA GLU C 197 -4.88 18.34 -17.37
C GLU C 197 -4.51 17.37 -16.25
N GLY C 198 -3.26 17.40 -15.81
CA GLY C 198 -2.83 16.58 -14.68
C GLY C 198 -3.66 16.79 -13.43
N LEU C 199 -3.93 18.07 -13.12
CA LEU C 199 -4.73 18.42 -11.96
C LEU C 199 -6.12 17.82 -12.08
N GLN C 200 -6.71 17.94 -13.26
CA GLN C 200 -8.06 17.47 -13.45
C GLN C 200 -8.12 15.96 -13.31
N GLU C 201 -7.10 15.30 -13.84
CA GLU C 201 -7.01 13.84 -13.76
C GLU C 201 -6.86 13.44 -12.30
N GLU C 202 -6.07 14.21 -11.55
CA GLU C 202 -5.88 13.91 -10.13
C GLU C 202 -7.17 14.06 -9.36
N ALA C 203 -7.80 15.22 -9.50
CA ALA C 203 -9.01 15.56 -8.74
C ALA C 203 -10.18 14.66 -9.07
N ARG C 204 -10.30 14.30 -10.34
CA ARG C 204 -11.33 13.38 -10.80
C ARG C 204 -11.25 12.05 -10.03
N ASP C 205 -10.05 11.47 -9.98
CA ASP C 205 -9.79 10.26 -9.20
C ASP C 205 -9.93 10.49 -7.69
N ALA C 206 -9.48 11.64 -7.20
CA ALA C 206 -9.67 11.93 -5.79
C ALA C 206 -11.16 11.91 -5.50
N ALA C 207 -11.93 12.57 -6.35
CA ALA C 207 -13.37 12.64 -6.15
C ALA C 207 -13.99 11.23 -6.15
N ALA C 208 -13.53 10.39 -7.07
CA ALA C 208 -14.08 9.05 -7.24
C ALA C 208 -13.85 8.19 -6.02
N VAL C 209 -12.72 8.39 -5.33
CA VAL C 209 -12.37 7.48 -4.23
C VAL C 209 -12.76 7.96 -2.85
N GLY C 210 -13.38 9.14 -2.75
CA GLY C 210 -13.91 9.56 -1.47
C GLY C 210 -13.19 10.72 -0.79
N PHE C 211 -12.10 11.22 -1.37
CA PHE C 211 -11.50 12.45 -0.86
C PHE C 211 -12.59 13.50 -0.79
N ASP C 212 -12.50 14.40 0.18
CA ASP C 212 -13.48 15.48 0.29
C ASP C 212 -12.99 16.77 -0.34
N VAL C 213 -11.68 16.89 -0.48
CA VAL C 213 -11.07 18.14 -0.86
C VAL C 213 -9.82 17.88 -1.69
N THR C 214 -9.60 18.69 -2.71
CA THR C 214 -8.29 18.73 -3.35
C THR C 214 -7.70 20.09 -3.00
N VAL C 215 -6.55 20.09 -2.34
CA VAL C 215 -5.97 21.35 -1.96
C VAL C 215 -5.28 21.96 -3.16
N CYS C 216 -5.51 23.25 -3.37
CA CYS C 216 -4.93 23.98 -4.49
C CYS C 216 -3.94 25.04 -4.00
N ILE C 217 -3.07 25.47 -4.91
CA ILE C 217 -2.04 26.45 -4.58
C ILE C 217 -2.13 27.69 -5.46
N HIS C 218 -3.15 27.73 -6.31
CA HIS C 218 -3.33 28.86 -7.23
C HIS C 218 -4.81 28.97 -7.59
N PRO C 219 -5.37 30.19 -7.48
CA PRO C 219 -6.83 30.28 -7.68
C PRO C 219 -7.29 29.79 -9.06
N SER C 220 -6.41 29.76 -10.04
CA SER C 220 -6.75 29.18 -11.35
C SER C 220 -7.14 27.70 -11.27
N GLN C 221 -6.76 27.04 -10.18
CA GLN C 221 -7.03 25.61 -10.00
C GLN C 221 -8.43 25.32 -9.43
N ILE C 222 -9.01 26.25 -8.68
CA ILE C 222 -10.30 25.99 -8.02
C ILE C 222 -11.39 25.54 -9.00
N PRO C 223 -11.61 26.32 -10.09
CA PRO C 223 -12.59 25.92 -11.10
C PRO C 223 -12.39 24.48 -11.58
N VAL C 224 -11.15 24.07 -11.80
CA VAL C 224 -10.85 22.72 -12.24
C VAL C 224 -11.28 21.70 -11.19
N VAL C 225 -10.86 21.92 -9.95
CA VAL C 225 -11.23 21.04 -8.85
C VAL C 225 -12.76 21.00 -8.67
N ARG C 226 -13.39 22.17 -8.71
CA ARG C 226 -14.85 22.19 -8.56
C ARG C 226 -15.53 21.35 -9.65
N LYS C 227 -15.16 21.57 -10.90
CA LYS C 227 -15.69 20.77 -12.00
C LYS C 227 -15.40 19.27 -11.77
N ALA C 228 -14.13 18.94 -11.55
CA ALA C 228 -13.76 17.51 -11.48
C ALA C 228 -14.56 16.79 -10.42
N TYR C 229 -14.96 17.51 -9.37
CA TYR C 229 -15.69 16.86 -8.29
C TYR C 229 -17.18 16.66 -8.59
N ARG C 230 -17.62 17.20 -9.71
CA ARG C 230 -18.97 16.97 -10.18
C ARG C 230 -18.90 15.91 -11.27
N PRO C 231 -19.66 14.82 -11.13
CA PRO C 231 -19.47 13.69 -12.04
C PRO C 231 -19.72 14.06 -13.48
N SER C 232 -19.21 13.25 -14.40
CA SER C 232 -19.46 13.49 -15.81
C SER C 232 -20.93 13.22 -16.14
N HIS C 233 -21.41 13.77 -17.26
CA HIS C 233 -22.77 13.55 -17.71
C HIS C 233 -23.09 12.04 -17.83
N GLU C 234 -22.17 11.32 -18.46
CA GLU C 234 -22.33 9.89 -18.66
C GLU C 234 -22.58 9.17 -17.31
N LYS C 235 -21.80 9.53 -16.30
CA LYS C 235 -21.95 8.93 -14.97
C LYS C 235 -23.29 9.27 -14.34
N LEU C 236 -23.74 10.51 -14.52
CA LEU C 236 -24.98 10.94 -13.90
C LEU C 236 -26.15 10.24 -14.54
N ALA C 237 -26.08 10.11 -15.86
CA ALA C 237 -27.09 9.36 -16.60
C ALA C 237 -27.20 7.93 -16.08
N TRP C 238 -26.05 7.25 -15.96
CA TRP C 238 -26.02 5.89 -15.40
C TRP C 238 -26.66 5.84 -14.01
N ALA C 239 -26.23 6.76 -13.13
CA ALA C 239 -26.74 6.81 -11.76
C ALA C 239 -28.25 6.95 -11.75
N ARG C 240 -28.76 7.91 -12.52
CA ARG C 240 -30.19 8.04 -12.69
C ARG C 240 -30.79 6.72 -13.15
N ARG C 241 -30.16 6.09 -14.14
CA ARG C 241 -30.68 4.83 -14.69
C ARG C 241 -30.71 3.72 -13.63
N VAL C 242 -29.56 3.46 -13.01
CA VAL C 242 -29.45 2.34 -12.07
C VAL C 242 -30.41 2.48 -10.90
N LEU C 243 -30.52 3.70 -10.39
CA LEU C 243 -31.41 3.99 -9.27
C LEU C 243 -32.87 3.79 -9.64
N ALA C 244 -33.26 4.28 -10.82
CA ALA C 244 -34.63 4.13 -11.30
C ALA C 244 -34.99 2.66 -11.34
N ALA C 245 -34.17 1.87 -12.05
CA ALA C 245 -34.38 0.44 -12.14
C ALA C 245 -34.41 -0.15 -10.74
N SER C 246 -33.52 0.33 -9.87
CA SER C 246 -33.40 -0.23 -8.53
C SER C 246 -34.74 -0.26 -7.77
N ARG C 247 -35.58 0.73 -7.97
CA ARG C 247 -36.83 0.78 -7.20
C ARG C 247 -37.95 -0.11 -7.75
N SER C 248 -37.67 -0.82 -8.84
CA SER C 248 -38.53 -1.88 -9.33
C SER C 248 -37.86 -3.20 -8.97
N GLU C 249 -36.64 -3.08 -8.46
CA GLU C 249 -35.84 -4.24 -8.09
C GLU C 249 -35.93 -4.48 -6.59
N ARG C 250 -35.86 -5.74 -6.20
CA ARG C 250 -35.73 -6.10 -4.81
C ARG C 250 -34.58 -7.10 -4.67
N GLY C 251 -33.40 -6.59 -4.29
CA GLY C 251 -32.22 -7.43 -4.08
C GLY C 251 -31.15 -7.21 -5.14
N ALA C 252 -30.21 -8.15 -5.24
CA ALA C 252 -29.19 -8.10 -6.28
C ALA C 252 -29.81 -8.34 -7.65
N PHE C 253 -29.49 -7.47 -8.60
CA PHE C 253 -29.96 -7.67 -9.96
C PHE C 253 -28.86 -7.32 -10.94
N ALA C 254 -29.11 -7.65 -12.21
CA ALA C 254 -28.19 -7.31 -13.26
C ALA C 254 -28.71 -6.12 -14.06
N PHE C 255 -27.85 -5.16 -14.32
CA PHE C 255 -28.23 -3.96 -15.05
C PHE C 255 -27.13 -3.62 -16.02
N GLU C 256 -27.45 -3.63 -17.31
CA GLU C 256 -26.47 -3.29 -18.33
C GLU C 256 -25.23 -4.17 -18.18
N GLY C 257 -25.47 -5.47 -17.95
CA GLY C 257 -24.41 -6.47 -17.84
C GLY C 257 -23.68 -6.56 -16.50
N GLN C 258 -24.02 -5.68 -15.57
CA GLN C 258 -23.32 -5.59 -14.29
C GLN C 258 -24.16 -6.11 -13.14
N MET C 259 -23.55 -6.88 -12.26
CA MET C 259 -24.23 -7.23 -11.02
C MET C 259 -24.36 -5.94 -10.24
N VAL C 260 -25.59 -5.58 -9.84
CA VAL C 260 -25.81 -4.40 -9.01
C VAL C 260 -26.40 -4.75 -7.65
N ASP C 261 -25.83 -4.18 -6.59
CA ASP C 261 -26.53 -4.21 -5.30
C ASP C 261 -26.22 -2.99 -4.42
N SER C 262 -26.76 -3.00 -3.22
CA SER C 262 -26.55 -1.97 -2.20
C SER C 262 -25.41 -0.97 -2.44
N PRO C 263 -24.14 -1.42 -2.40
CA PRO C 263 -23.06 -0.43 -2.49
C PRO C 263 -22.91 0.21 -3.87
N VAL C 264 -23.30 -0.51 -4.92
CA VAL C 264 -23.30 0.12 -6.25
C VAL C 264 -24.37 1.21 -6.28
N LEU C 265 -25.51 0.95 -5.64
CA LEU C 265 -26.58 1.92 -5.56
C LEU C 265 -26.10 3.16 -4.80
N THR C 266 -25.24 2.91 -3.82
CA THR C 266 -24.70 3.97 -3.00
C THR C 266 -23.74 4.85 -3.79
N HIS C 267 -22.97 4.27 -4.70
CA HIS C 267 -22.08 5.07 -5.55
C HIS C 267 -22.93 6.02 -6.38
N ALA C 268 -24.05 5.53 -6.89
CA ALA C 268 -24.93 6.34 -7.73
C ALA C 268 -25.53 7.51 -6.96
N GLU C 269 -25.94 7.25 -5.72
CA GLU C 269 -26.52 8.29 -4.89
C GLU C 269 -25.49 9.37 -4.65
N THR C 270 -24.24 8.93 -4.48
CA THR C 270 -23.16 9.81 -4.12
C THR C 270 -22.81 10.68 -5.31
N MET C 271 -22.84 10.10 -6.50
CA MET C 271 -22.71 10.88 -7.72
C MET C 271 -23.77 11.99 -7.77
N LEU C 272 -25.02 11.61 -7.53
CA LEU C 272 -26.10 12.57 -7.64
C LEU C 272 -26.05 13.63 -6.54
N ARG C 273 -25.63 13.21 -5.35
CA ARG C 273 -25.37 14.14 -4.26
C ARG C 273 -24.27 15.13 -4.62
N ARG C 274 -23.21 14.63 -5.25
CA ARG C 274 -22.11 15.52 -5.66
C ARG C 274 -22.54 16.50 -6.76
N ALA C 275 -23.37 16.05 -7.68
CA ALA C 275 -23.90 16.95 -8.70
C ALA C 275 -24.85 17.95 -8.05
N GLY C 276 -25.72 17.45 -7.17
CA GLY C 276 -26.61 18.31 -6.41
C GLY C 276 -25.85 19.37 -5.64
N GLU C 277 -24.68 18.99 -5.13
CA GLU C 277 -23.86 19.94 -4.38
C GLU C 277 -22.96 20.76 -5.32
MG MG D . -20.15 -5.84 0.35
N1A COA E . -26.34 -18.74 -8.48
C2A COA E . -26.89 -19.79 -9.10
N3A COA E . -27.31 -19.72 -10.39
C4A COA E . -27.17 -18.57 -11.08
C5A COA E . -26.60 -17.45 -10.47
C6A COA E . -26.17 -17.57 -9.14
N6A COA E . -25.55 -16.38 -8.48
N7A COA E . -26.58 -16.46 -11.38
C8A COA E . -27.13 -16.93 -12.51
N9A COA E . -27.49 -18.20 -12.34
C1B COA E . -28.09 -19.08 -13.31
C2B COA E . -29.51 -18.86 -13.55
O2B COA E . -30.25 -19.67 -12.71
C3B COA E . -29.69 -19.32 -14.89
O3B COA E . -29.72 -20.70 -14.83
P3B COA E . -30.64 -21.48 -15.82
O7A COA E . -30.70 -20.73 -17.13
O8A COA E . -32.01 -21.59 -15.20
O9A COA E . -30.06 -22.86 -16.07
C4B COA E . -28.46 -18.91 -15.57
O4B COA E . -27.46 -18.85 -14.53
C5B COA E . -28.62 -17.60 -16.21
O5B COA E . -28.89 -16.51 -15.43
P1A COA E . -28.77 -15.07 -15.97
O1A COA E . -29.98 -14.77 -16.78
O2A COA E . -27.53 -14.93 -16.79
O3A COA E . -28.67 -14.07 -14.79
P2A COA E . -29.93 -13.64 -13.96
O4A COA E . -30.52 -12.37 -14.54
O5A COA E . -30.92 -14.76 -13.93
O6A COA E . -29.47 -13.30 -12.53
CBP COA E . -28.08 -12.19 -10.90
CCP COA E . -28.39 -12.46 -12.37
CDP COA E . -29.36 -11.84 -10.16
CEP COA E . -27.04 -11.10 -10.73
CAP COA E . -27.47 -13.50 -10.37
OAP COA E . -26.36 -13.75 -11.17
C9P COA E . -26.99 -13.41 -8.94
O9P COA E . -27.78 -13.51 -8.00
N8P COA E . -25.60 -13.16 -8.74
C7P COA E . -25.02 -13.03 -7.40
C6P COA E . -25.65 -12.01 -6.50
C5P COA E . -25.11 -12.00 -5.10
O5P COA E . -25.16 -13.02 -4.39
N4P COA E . -24.54 -10.80 -4.58
C3P COA E . -24.04 -10.86 -3.24
C2P COA E . -22.54 -10.68 -3.12
S1P COA E . -21.79 -9.68 -4.41
O1 AAE F . -17.32 -4.99 -2.85
C2 AAE F . -18.33 -5.41 -2.23
O3 AAE F . -18.80 -4.76 -1.26
C4 AAE F . -18.99 -6.70 -2.66
C5 AAE F . -19.03 -7.88 -1.75
O8 AAE F . -19.52 -7.79 -0.64
C9 AAE F . -18.47 -9.19 -2.20
S SO4 G . 0.27 1.19 -12.57
O1 SO4 G . 0.15 -0.20 -12.10
O2 SO4 G . -0.88 1.93 -12.08
O3 SO4 G . 0.29 1.24 -14.03
O4 SO4 G . 1.49 1.81 -12.08
S SO4 H . 0.73 -13.21 -16.40
O1 SO4 H . 0.82 -14.19 -15.31
O2 SO4 H . 0.40 -11.90 -15.86
O3 SO4 H . 2.01 -13.17 -17.11
O4 SO4 H . -0.31 -13.62 -17.33
MG MG I . 14.84 -14.66 0.23
N1A COA J . 30.21 -12.56 -6.87
C2A COA J . 31.46 -12.49 -7.36
N3A COA J . 31.72 -12.75 -8.65
C4A COA J . 30.74 -13.12 -9.48
C5A COA J . 29.42 -13.22 -9.03
C6A COA J . 29.19 -12.91 -7.68
N6A COA J . 27.80 -12.98 -7.10
N7A COA J . 28.66 -13.59 -10.08
C8A COA J . 29.48 -13.72 -11.16
N9A COA J . 30.73 -13.46 -10.79
C1B COA J . 31.92 -13.45 -11.60
C2B COA J . 32.26 -14.77 -12.15
O2B COA J . 33.15 -15.43 -11.32
C3B COA J . 32.91 -14.43 -13.39
O3B COA J . 34.18 -14.01 -13.07
P3B COA J . 35.43 -14.68 -13.72
O7A COA J . 35.27 -14.55 -15.22
O8A COA J . 35.48 -16.13 -13.30
O9A COA J . 36.68 -13.97 -13.26
C4B COA J . 32.14 -13.30 -13.88
O4B COA J . 31.69 -12.61 -12.69
C5B COA J . 31.01 -13.74 -14.70
O5B COA J . 30.41 -14.92 -14.33
P1A COA J . 29.08 -15.43 -14.90
O1A COA J . 29.35 -16.45 -15.96
O2A COA J . 28.32 -14.30 -15.53
O3A COA J . 28.24 -16.03 -13.74
P2A COA J . 28.32 -17.51 -13.22
O4A COA J . 27.56 -18.46 -14.11
O5A COA J . 29.73 -17.96 -12.96
O6A COA J . 27.57 -17.58 -11.88
CBP COA J . 25.83 -17.02 -10.35
CCP COA J . 26.35 -16.95 -11.79
CDP COA J . 26.33 -18.34 -9.76
CEP COA J . 24.33 -16.90 -10.28
CAP COA J . 26.43 -15.78 -9.66
OAP COA J . 25.90 -14.69 -10.33
C9P COA J . 26.01 -15.63 -8.22
O9P COA J . 26.33 -16.45 -7.37
N8P COA J . 25.18 -14.51 -7.91
C7P COA J . 24.71 -14.32 -6.52
C6P COA J . 23.93 -15.49 -5.98
C5P COA J . 23.46 -15.29 -4.57
O5P COA J . 24.25 -15.02 -3.68
N4P COA J . 22.07 -15.41 -4.28
C3P COA J . 21.67 -15.19 -2.93
C2P COA J . 20.79 -13.96 -2.78
S1P COA J . 19.82 -13.53 -4.23
O1 AAE K . 13.44 -12.43 -3.22
C2 AAE K . 14.25 -13.04 -2.44
O3 AAE K . 13.82 -13.84 -1.58
C4 AAE K . 15.72 -12.79 -2.57
C5 AAE K . 16.50 -12.46 -1.34
O8 AAE K . 16.51 -13.20 -0.36
C9 AAE K . 17.32 -11.22 -1.29
S SO4 L . 12.89 8.70 -14.05
O1 SO4 L . 11.75 7.88 -13.63
O2 SO4 L . 13.71 9.06 -12.90
O3 SO4 L . 12.42 9.91 -14.72
O4 SO4 L . 13.69 7.91 -15.00
MG MG M . 5.15 20.02 3.14
N1A COA N . -3.68 32.98 -3.18
C2A COA N . -4.31 34.10 -3.60
N3A COA N . -4.08 34.63 -4.80
C4A COA N . -3.18 34.06 -5.62
C5A COA N . -2.49 32.90 -5.24
C6A COA N . -2.78 32.36 -3.98
N6A COA N . -2.08 31.12 -3.49
N7A COA N . -1.67 32.54 -6.25
C8A COA N . -1.84 33.45 -7.26
N9A COA N . -2.75 34.36 -6.86
C1B COA N . -3.26 35.49 -7.61
C2B COA N . -2.39 36.65 -7.61
O2B COA N . -2.79 37.46 -6.56
C3B COA N . -2.68 37.29 -8.87
O3B COA N . -3.81 38.06 -8.69
P3B COA N . -3.99 39.41 -9.43
O7A COA N . -2.97 40.40 -8.92
O8A COA N . -5.38 39.94 -9.20
O9A COA N . -3.79 39.17 -10.91
C4B COA N . -3.00 36.18 -9.77
O4B COA N . -3.46 35.10 -8.92
C5B COA N . -1.85 35.72 -10.55
O5B COA N . -0.80 35.12 -9.91
P1A COA N . 0.40 34.58 -10.74
O1A COA N . 1.07 35.73 -11.43
O2A COA N . -0.11 33.59 -11.74
O3A COA N . 1.47 33.86 -9.86
P2A COA N . 2.36 34.59 -8.78
O4A COA N . 3.77 34.69 -9.28
O5A COA N . 1.81 35.94 -8.44
O6A COA N . 2.40 33.70 -7.52
CBP COA N . 2.95 31.61 -6.38
CCP COA N . 2.83 32.39 -7.69
CDP COA N . 3.98 32.28 -5.46
CEP COA N . 3.31 30.17 -6.65
CAP COA N . 1.54 31.69 -5.74
OAP COA N . 0.69 31.00 -6.59
C9P COA N . 1.42 31.10 -4.33
O9P COA N . 1.86 31.67 -3.33
N8P COA N . 0.76 29.84 -4.19
C7P COA N . 0.65 29.25 -2.85
C6P COA N . 1.96 28.81 -2.23
C5P COA N . 1.85 28.17 -0.86
O5P COA N . 1.01 28.56 -0.06
N4P COA N . 2.76 27.11 -0.52
C3P COA N . 2.63 26.51 0.77
C2P COA N . 1.92 25.17 0.76
S1P COA N . 1.99 24.24 -0.77
O1 AAE O . 4.17 17.89 -0.41
C2 AAE O . 4.39 18.83 0.41
O3 AAE O . 5.30 18.72 1.29
C4 AAE O . 3.57 20.08 0.30
C5 AAE O . 2.69 20.54 1.42
O8 AAE O . 3.04 20.50 2.59
C9 AAE O . 1.34 21.09 1.10
C1 GOL P . 9.64 18.31 -7.69
O1 GOL P . 10.90 18.01 -7.12
C2 GOL P . 8.65 17.19 -7.39
O2 GOL P . 8.17 16.58 -8.57
C3 GOL P . 9.41 16.13 -6.62
O3 GOL P . 8.97 14.89 -7.10
C1 GOL Q . -22.02 5.91 -21.58
O1 GOL Q . -21.67 5.18 -22.72
C2 GOL Q . -21.67 5.10 -20.35
O2 GOL Q . -21.07 5.93 -19.37
C3 GOL Q . -22.93 4.48 -19.77
O3 GOL Q . -22.63 3.93 -18.51
#